data_7AH5
#
_entry.id   7AH5
#
_cell.length_a   84.988
_cell.length_b   93.106
_cell.length_c   130.360
_cell.angle_alpha   90.000
_cell.angle_beta   90.000
_cell.angle_gamma   90.000
#
_symmetry.space_group_name_H-M   'P 21 21 21'
#
loop_
_entity.id
_entity.type
_entity.pdbx_description
1 polymer 'Indoleamine 2,3-dioxygenase 1'
2 non-polymer 'PROTOPORPHYRIN IX CONTAINING FE'
3 non-polymer 4-chloranyl-2-(1~{H}-1,2,4-triazol-5-yl)aniline
#
_entity_poly.entity_id   1
_entity_poly.type   'polypeptide(L)'
_entity_poly.pdbx_seq_one_letter_code
;MGSSHHHHHHSSGLVPRGSHMASAMENSWTISKEYHIDEEVGFALPNPQENLPDFYNDWMFIAKHLPDLIESGQLRERVE
KLNMLSIDHLTDHKSQRLARLVLGCITMAYVWGKGHGDVRKVLPRNIAVPYCQLSKKLELPPILVYADCVLANWKKKDPN
KPLTYENMDVLFSFRDGDCSKGFFLVSLLVEIAAASAIKVIPTVFKAMQMQERDTLLKALLEIASCLEKALQVFHQIHDH
VNPKAFFSVLRIYLSGWKGNPQLSDGLVYEGFWEDPKEFAGGSAGQSSVFQCFDVLLGIQQTAGGGHAAQFLQDMRRYMP
PAHRNFLCSLESNPSVREFVLSKGDAGLREAYDACVKALVSLRSYHLQIVTKYILIPASQQPKENKTSEDPSKLEAKGTG
GTDLMNFLKTVRSTTEKSLLKEG
;
_entity_poly.pdbx_strand_id   A,B
#
loop_
_chem_comp.id
_chem_comp.type
_chem_comp.name
_chem_comp.formula
HEM non-polymer 'PROTOPORPHYRIN IX CONTAINING FE' 'C34 H32 Fe N4 O4'
RCQ non-polymer 4-chloranyl-2-(1~{H}-1,2,4-triazol-5-yl)aniline 'C8 H7 Cl N4'
#
# COMPACT_ATOMS: atom_id res chain seq x y z
N LYS A 33 -4.75 9.31 18.96
CA LYS A 33 -5.88 8.63 19.59
C LYS A 33 -5.56 7.17 19.91
N GLU A 34 -6.28 6.29 19.22
CA GLU A 34 -6.22 4.84 19.40
C GLU A 34 -5.10 4.19 18.60
N TYR A 35 -4.22 4.99 17.99
CA TYR A 35 -3.16 4.42 17.15
C TYR A 35 -2.00 3.93 17.99
N HIS A 36 -2.28 3.60 19.25
CA HIS A 36 -1.30 3.06 20.19
C HIS A 36 -0.07 3.96 20.25
N ILE A 37 -0.32 5.22 20.60
CA ILE A 37 0.72 6.22 20.71
C ILE A 37 1.07 6.42 22.18
N ASP A 38 2.25 6.98 22.42
CA ASP A 38 2.72 7.26 23.77
C ASP A 38 3.12 8.72 23.87
N GLU A 39 2.74 9.35 24.98
CA GLU A 39 3.04 10.77 25.17
C GLU A 39 4.54 11.04 25.23
N GLU A 40 5.32 10.12 25.81
CA GLU A 40 6.76 10.31 25.97
C GLU A 40 7.57 9.59 24.91
N VAL A 41 7.21 8.35 24.56
CA VAL A 41 8.03 7.53 23.66
C VAL A 41 7.43 7.39 22.27
N GLY A 42 6.20 7.86 22.04
CA GLY A 42 5.66 7.88 20.69
C GLY A 42 5.27 6.51 20.20
N PHE A 43 5.68 6.19 18.98
CA PHE A 43 5.35 4.90 18.37
C PHE A 43 6.18 3.75 18.93
N ALA A 44 7.18 4.03 19.76
CA ALA A 44 7.93 2.96 20.39
C ALA A 44 7.07 2.27 21.45
N LEU A 45 7.48 1.07 21.82
CA LEU A 45 6.72 0.29 22.80
C LEU A 45 7.05 0.79 24.20
N PRO A 46 6.07 1.33 24.94
CA PRO A 46 6.38 1.91 26.26
C PRO A 46 6.79 0.86 27.28
N ASN A 47 8.05 0.91 27.71
CA ASN A 47 8.64 -0.01 28.68
C ASN A 47 8.33 -1.46 28.33
N PRO A 48 9.03 -2.03 27.35
CA PRO A 48 8.71 -3.38 26.89
C PRO A 48 9.07 -4.44 27.92
N GLN A 49 8.56 -5.64 27.69
CA GLN A 49 8.82 -6.76 28.57
C GLN A 49 10.24 -7.28 28.38
N GLU A 50 10.90 -7.59 29.49
CA GLU A 50 12.27 -8.10 29.44
C GLU A 50 12.34 -9.62 29.51
N ASN A 51 11.29 -10.29 29.97
CA ASN A 51 11.27 -11.73 30.12
C ASN A 51 9.92 -12.26 29.67
N LEU A 52 9.95 -13.47 29.13
CA LEU A 52 8.75 -14.20 28.76
C LEU A 52 8.35 -15.16 29.87
N PRO A 53 7.13 -15.70 29.82
CA PRO A 53 6.78 -16.77 30.76
C PRO A 53 7.80 -17.90 30.70
N ASP A 54 8.13 -18.43 31.88
CA ASP A 54 9.12 -19.50 31.97
C ASP A 54 8.75 -20.73 31.15
N PHE A 55 7.53 -20.78 30.61
CA PHE A 55 7.18 -21.80 29.63
C PHE A 55 8.14 -21.79 28.45
N TYR A 56 8.58 -20.61 28.03
CA TYR A 56 9.38 -20.45 26.83
C TYR A 56 10.86 -20.28 27.13
N ASN A 57 11.34 -20.86 28.23
CA ASN A 57 12.75 -20.72 28.57
C ASN A 57 13.66 -21.31 27.49
N ASP A 58 13.14 -22.27 26.72
CA ASP A 58 13.92 -22.83 25.62
C ASP A 58 14.23 -21.76 24.57
N TRP A 59 13.26 -20.91 24.26
CA TRP A 59 13.49 -19.81 23.33
C TRP A 59 14.43 -18.78 23.91
N MET A 60 14.12 -18.31 25.13
CA MET A 60 14.82 -17.18 25.71
C MET A 60 16.32 -17.45 25.86
N PHE A 61 16.69 -18.67 26.21
CA PHE A 61 18.11 -19.01 26.35
C PHE A 61 18.85 -18.84 25.02
N ILE A 62 18.22 -19.28 23.93
CA ILE A 62 18.87 -19.21 22.62
C ILE A 62 19.05 -17.75 22.20
N ALA A 63 18.07 -16.91 22.51
CA ALA A 63 18.16 -15.51 22.10
C ALA A 63 19.15 -14.73 22.95
N LYS A 64 19.19 -15.00 24.26
CA LYS A 64 20.04 -14.23 25.16
C LYS A 64 21.51 -14.60 25.03
N HIS A 65 21.82 -15.78 24.52
CA HIS A 65 23.19 -16.23 24.30
C HIS A 65 23.46 -16.43 22.82
N LEU A 66 22.90 -15.52 22.01
CA LEU A 66 23.06 -15.62 20.56
C LEU A 66 24.51 -15.51 20.10
N PRO A 67 25.32 -14.56 20.60
CA PRO A 67 26.73 -14.55 20.18
C PRO A 67 27.50 -15.78 20.62
N ASP A 68 27.30 -16.24 21.85
CA ASP A 68 28.06 -17.40 22.33
C ASP A 68 27.74 -18.64 21.52
N LEU A 69 26.46 -18.87 21.22
CA LEU A 69 26.09 -20.04 20.42
C LEU A 69 26.64 -19.94 19.01
N ILE A 70 26.57 -18.76 18.40
CA ILE A 70 27.10 -18.59 17.04
C ILE A 70 28.63 -18.67 17.04
N GLU A 71 29.27 -18.12 18.08
CA GLU A 71 30.72 -18.14 18.13
C GLU A 71 31.26 -19.55 18.22
N SER A 72 30.61 -20.40 19.02
CA SER A 72 31.02 -21.78 19.21
C SER A 72 30.52 -22.71 18.12
N GLY A 73 29.60 -22.26 17.27
CA GLY A 73 29.06 -23.09 16.22
C GLY A 73 27.98 -24.05 16.67
N GLN A 74 27.37 -23.81 17.82
CA GLN A 74 26.37 -24.71 18.39
C GLN A 74 24.96 -24.12 18.37
N LEU A 75 24.76 -22.99 17.68
CA LEU A 75 23.45 -22.35 17.64
C LEU A 75 22.46 -23.16 16.81
N ARG A 76 22.83 -23.46 15.57
CA ARG A 76 21.95 -24.26 14.71
C ARG A 76 21.64 -25.61 15.33
N GLU A 77 22.54 -26.13 16.17
CA GLU A 77 22.26 -27.37 16.87
C GLU A 77 21.12 -27.19 17.87
N ARG A 78 21.20 -26.16 18.72
CA ARG A 78 20.19 -26.00 19.76
C ARG A 78 18.85 -25.55 19.19
N VAL A 79 18.81 -25.02 17.97
CA VAL A 79 17.53 -24.67 17.36
C VAL A 79 16.85 -25.92 16.82
N GLU A 80 17.62 -26.83 16.22
CA GLU A 80 17.04 -28.06 15.67
C GLU A 80 16.53 -28.98 16.77
N LYS A 81 17.14 -28.93 17.96
CA LYS A 81 16.71 -29.71 19.11
C LYS A 81 15.54 -29.07 19.85
N LEU A 82 15.04 -27.93 19.38
CA LEU A 82 13.91 -27.29 20.04
C LEU A 82 12.63 -28.08 19.83
N ASN A 83 11.79 -28.11 20.86
CA ASN A 83 10.44 -28.60 20.72
C ASN A 83 9.52 -27.46 20.29
N MET A 84 8.40 -27.82 19.66
CA MET A 84 7.44 -26.83 19.21
C MET A 84 6.65 -26.32 20.41
N LEU A 85 6.81 -25.05 20.74
CA LEU A 85 6.11 -24.44 21.86
C LEU A 85 4.91 -23.68 21.34
N SER A 86 3.72 -24.03 21.81
CA SER A 86 2.51 -23.34 21.40
C SER A 86 2.57 -21.89 21.86
N ILE A 87 2.08 -20.99 21.01
CA ILE A 87 2.17 -19.55 21.29
C ILE A 87 1.01 -19.12 22.17
N ASP A 88 0.20 -20.08 22.62
CA ASP A 88 -1.02 -19.76 23.34
C ASP A 88 -0.76 -19.15 24.71
N HIS A 89 0.42 -19.38 25.29
CA HIS A 89 0.72 -18.84 26.61
C HIS A 89 1.29 -17.44 26.51
N LEU A 90 0.87 -16.70 25.48
CA LEU A 90 1.31 -15.32 25.25
C LEU A 90 0.03 -14.50 25.08
N THR A 91 -0.46 -13.94 26.18
CA THR A 91 -1.71 -13.18 26.21
C THR A 91 -1.50 -11.68 26.02
N ASP A 92 -0.66 -11.06 26.85
CA ASP A 92 -0.41 -9.64 26.73
C ASP A 92 0.21 -9.31 25.38
N HIS A 93 -0.09 -8.12 24.86
CA HIS A 93 0.54 -7.65 23.64
C HIS A 93 2.05 -7.55 23.80
N LYS A 94 2.51 -7.12 24.99
CA LYS A 94 3.93 -6.95 25.20
C LYS A 94 4.66 -8.28 25.22
N SER A 95 4.04 -9.31 25.81
CA SER A 95 4.62 -10.65 25.77
C SER A 95 4.62 -11.23 24.37
N GLN A 96 3.76 -10.73 23.48
CA GLN A 96 3.77 -11.17 22.08
C GLN A 96 4.81 -10.42 21.26
N ARG A 97 5.04 -9.15 21.58
CA ARG A 97 6.11 -8.41 20.93
C ARG A 97 7.48 -8.95 21.32
N LEU A 98 7.64 -9.33 22.59
CA LEU A 98 8.90 -9.94 23.03
C LEU A 98 9.13 -11.26 22.31
N ALA A 99 8.09 -12.08 22.18
CA ALA A 99 8.26 -13.37 21.52
C ALA A 99 8.61 -13.18 20.05
N ARG A 100 7.99 -12.18 19.40
CA ARG A 100 8.33 -11.89 18.01
C ARG A 100 9.78 -11.45 17.88
N LEU A 101 10.25 -10.64 18.82
CA LEU A 101 11.65 -10.24 18.83
C LEU A 101 12.58 -11.43 19.07
N VAL A 102 12.24 -12.29 20.05
CA VAL A 102 13.07 -13.46 20.34
C VAL A 102 13.12 -14.38 19.13
N LEU A 103 11.96 -14.78 18.61
CA LEU A 103 11.92 -15.70 17.48
C LEU A 103 12.54 -15.08 16.24
N GLY A 104 12.47 -13.75 16.10
CA GLY A 104 13.03 -13.11 14.93
C GLY A 104 14.55 -13.12 14.92
N CYS A 105 15.17 -12.84 16.08
CA CYS A 105 16.63 -12.86 16.17
C CYS A 105 17.18 -14.27 15.99
N ILE A 106 16.52 -15.27 16.60
CA ILE A 106 16.92 -16.65 16.40
C ILE A 106 16.80 -17.03 14.93
N THR A 107 15.73 -16.56 14.26
CA THR A 107 15.56 -16.87 12.84
C THR A 107 16.67 -16.26 12.01
N MET A 108 16.97 -14.96 12.24
CA MET A 108 18.08 -14.32 11.55
C MET A 108 19.40 -15.03 11.85
N ALA A 109 19.58 -15.47 13.09
CA ALA A 109 20.81 -16.15 13.46
C ALA A 109 20.89 -17.54 12.85
N TYR A 110 19.74 -18.19 12.62
CA TYR A 110 19.77 -19.52 12.03
C TYR A 110 20.08 -19.46 10.54
N VAL A 111 19.49 -18.50 9.83
CA VAL A 111 19.67 -18.43 8.38
C VAL A 111 21.10 -18.04 8.05
N TRP A 112 21.63 -17.02 8.70
CA TRP A 112 22.94 -16.52 8.33
C TRP A 112 24.09 -17.20 9.07
N GLY A 113 23.85 -17.67 10.29
CA GLY A 113 24.89 -18.39 11.03
C GLY A 113 26.06 -17.49 11.37
N LYS A 114 27.25 -17.91 10.97
CA LYS A 114 28.46 -17.12 11.20
C LYS A 114 28.48 -15.84 10.38
N GLY A 115 27.57 -15.70 9.41
CA GLY A 115 27.48 -14.49 8.61
C GLY A 115 28.53 -14.35 7.53
N HIS A 116 29.30 -15.39 7.25
CA HIS A 116 30.38 -15.33 6.27
C HIS A 116 30.01 -16.01 4.96
N GLY A 117 28.81 -16.59 4.86
CA GLY A 117 28.34 -17.08 3.57
C GLY A 117 27.62 -18.42 3.59
N ASP A 118 27.78 -19.19 4.65
CA ASP A 118 27.20 -20.53 4.75
C ASP A 118 25.79 -20.41 5.32
N VAL A 119 24.81 -20.26 4.44
CA VAL A 119 23.45 -19.93 4.83
C VAL A 119 22.59 -21.18 4.84
N ARG A 120 21.56 -21.16 5.69
CA ARG A 120 20.54 -22.21 5.73
C ARG A 120 19.27 -21.73 5.04
N LYS A 121 18.68 -22.60 4.23
CA LYS A 121 17.56 -22.22 3.39
C LYS A 121 16.21 -22.69 3.93
N VAL A 122 16.20 -23.54 4.96
CA VAL A 122 14.97 -24.11 5.50
C VAL A 122 14.93 -23.81 7.00
N LEU A 123 13.88 -23.11 7.43
CA LEU A 123 13.70 -22.82 8.84
C LEU A 123 13.02 -24.00 9.52
N PRO A 124 13.62 -24.61 10.55
CA PRO A 124 13.05 -25.81 11.15
C PRO A 124 11.61 -25.62 11.61
N ARG A 125 10.86 -26.70 11.57
CA ARG A 125 9.42 -26.66 11.82
C ARG A 125 9.11 -26.13 13.23
N ASN A 126 9.88 -26.57 14.22
CA ASN A 126 9.54 -26.27 15.61
C ASN A 126 9.77 -24.80 15.99
N ILE A 127 10.29 -23.99 15.07
CA ILE A 127 10.38 -22.55 15.32
C ILE A 127 9.62 -21.82 14.23
N ALA A 128 9.56 -22.40 13.03
CA ALA A 128 8.85 -21.74 11.94
C ALA A 128 7.36 -21.65 12.22
N VAL A 129 6.78 -22.69 12.83
CA VAL A 129 5.34 -22.71 13.06
C VAL A 129 4.97 -21.71 14.16
N PRO A 130 5.60 -21.72 15.34
CA PRO A 130 5.27 -20.69 16.34
C PRO A 130 5.55 -19.29 15.85
N TYR A 131 6.61 -19.11 15.06
CA TYR A 131 6.93 -17.80 14.50
C TYR A 131 5.78 -17.29 13.63
N CYS A 132 5.41 -18.06 12.61
CA CYS A 132 4.38 -17.60 11.68
C CYS A 132 3.02 -17.47 12.34
N GLN A 133 2.71 -18.33 13.32
CA GLN A 133 1.44 -18.21 14.03
C GLN A 133 1.38 -16.89 14.79
N LEU A 134 2.48 -16.49 15.42
CA LEU A 134 2.51 -15.22 16.14
C LEU A 134 2.52 -14.04 15.17
N SER A 135 3.29 -14.15 14.09
CA SER A 135 3.31 -13.11 13.07
C SER A 135 1.92 -12.88 12.50
N LYS A 136 1.16 -13.97 12.31
CA LYS A 136 -0.21 -13.84 11.85
C LYS A 136 -1.05 -13.05 12.86
N LYS A 137 -0.87 -13.34 14.15
CA LYS A 137 -1.66 -12.68 15.18
C LYS A 137 -1.35 -11.18 15.25
N LEU A 138 -0.12 -10.79 14.94
CA LEU A 138 0.31 -9.40 15.03
C LEU A 138 0.34 -8.70 13.68
N GLU A 139 -0.03 -9.38 12.59
CA GLU A 139 -0.15 -8.79 11.25
C GLU A 139 1.18 -8.25 10.75
N LEU A 140 2.25 -8.99 10.99
CA LEU A 140 3.59 -8.64 10.55
C LEU A 140 4.22 -9.84 9.86
N PRO A 141 5.13 -9.62 8.91
CA PRO A 141 5.77 -10.72 8.20
C PRO A 141 6.68 -11.51 9.13
N PRO A 142 6.93 -12.79 8.83
CA PRO A 142 7.81 -13.63 9.66
C PRO A 142 9.28 -13.36 9.41
N ILE A 143 9.71 -12.16 9.78
CA ILE A 143 11.12 -11.77 9.67
C ILE A 143 11.34 -10.62 10.64
N LEU A 144 12.58 -10.47 11.11
CA LEU A 144 12.90 -9.41 12.05
C LEU A 144 12.65 -8.04 11.42
N VAL A 145 12.03 -7.15 12.20
CA VAL A 145 11.51 -5.89 11.67
C VAL A 145 11.83 -4.77 12.66
N TYR A 146 12.08 -3.57 12.12
CA TYR A 146 12.38 -2.37 12.91
C TYR A 146 11.56 -2.27 14.18
N ALA A 147 10.25 -2.56 14.10
CA ALA A 147 9.41 -2.50 15.30
C ALA A 147 9.80 -3.53 16.34
N ASP A 148 10.45 -4.63 15.92
CA ASP A 148 10.98 -5.59 16.88
C ASP A 148 12.32 -5.12 17.43
N CYS A 149 13.31 -4.98 16.56
CA CYS A 149 14.69 -4.78 16.99
C CYS A 149 15.00 -3.35 17.38
N VAL A 150 14.03 -2.43 17.33
CA VAL A 150 14.25 -1.07 17.81
C VAL A 150 13.16 -0.67 18.79
N LEU A 151 11.91 -0.75 18.36
CA LEU A 151 10.81 -0.29 19.21
C LEU A 151 10.53 -1.22 20.39
N ALA A 152 10.90 -2.50 20.30
CA ALA A 152 10.65 -3.44 21.38
C ALA A 152 11.93 -4.01 21.98
N ASN A 153 13.10 -3.52 21.58
CA ASN A 153 14.37 -4.11 21.97
C ASN A 153 15.19 -3.14 22.83
N TRP A 154 14.60 -2.62 23.90
CA TRP A 154 15.31 -1.64 24.72
C TRP A 154 14.84 -1.73 26.17
N LYS A 155 15.68 -1.22 27.07
CA LYS A 155 15.40 -1.29 28.49
C LYS A 155 15.88 0.00 29.15
N LYS A 156 15.21 0.40 30.21
CA LYS A 156 15.58 1.57 31.01
C LYS A 156 16.26 1.07 32.27
N LYS A 157 17.59 1.25 32.35
CA LYS A 157 18.34 0.76 33.50
C LYS A 157 17.78 1.32 34.81
N ASP A 158 17.72 2.64 34.91
CA ASP A 158 17.17 3.31 36.09
C ASP A 158 15.84 3.94 35.71
N PRO A 159 14.73 3.53 36.31
CA PRO A 159 13.43 4.14 35.98
C PRO A 159 13.33 5.61 36.36
N ASN A 160 14.25 6.13 37.17
CA ASN A 160 14.20 7.50 37.64
C ASN A 160 15.07 8.44 36.81
N LYS A 161 15.79 7.93 35.84
CA LYS A 161 16.62 8.71 34.94
C LYS A 161 15.89 8.95 33.62
N PRO A 162 16.36 9.90 32.81
CA PRO A 162 15.75 10.12 31.49
C PRO A 162 16.18 9.05 30.51
N LEU A 163 15.54 9.08 29.34
CA LEU A 163 15.81 8.15 28.24
C LEU A 163 17.05 8.63 27.49
N THR A 164 18.22 8.30 28.04
CA THR A 164 19.51 8.66 27.45
C THR A 164 20.33 7.39 27.23
N TYR A 165 21.33 7.51 26.35
CA TYR A 165 22.13 6.35 25.98
C TYR A 165 22.81 5.72 27.19
N GLU A 166 23.26 6.55 28.13
CA GLU A 166 23.90 6.01 29.33
C GLU A 166 22.88 5.43 30.32
N ASN A 167 21.59 5.63 30.09
CA ASN A 167 20.55 5.06 30.93
C ASN A 167 19.86 3.86 30.28
N MET A 168 20.15 3.56 29.03
CA MET A 168 19.40 2.56 28.27
C MET A 168 20.34 1.46 27.78
N ASP A 169 19.73 0.40 27.26
CA ASP A 169 20.45 -0.75 26.72
C ASP A 169 19.46 -1.54 25.86
N VAL A 170 19.96 -2.60 25.22
CA VAL A 170 19.13 -3.46 24.37
C VAL A 170 18.93 -4.80 25.07
N LEU A 171 17.95 -5.56 24.57
CA LEU A 171 17.65 -6.86 25.14
C LEU A 171 18.39 -7.99 24.44
N PHE A 172 18.56 -7.91 23.13
CA PHE A 172 19.16 -8.99 22.37
C PHE A 172 20.12 -8.43 21.33
N SER A 173 21.28 -9.05 21.21
CA SER A 173 22.27 -8.69 20.20
C SER A 173 22.60 -9.93 19.37
N PHE A 174 23.31 -9.71 18.27
CA PHE A 174 23.64 -10.79 17.34
C PHE A 174 25.03 -11.38 17.60
N ARG A 175 26.07 -10.56 17.49
CA ARG A 175 27.44 -11.02 17.66
C ARG A 175 28.14 -10.15 18.68
N ASP A 176 29.32 -10.60 19.12
CA ASP A 176 30.19 -9.77 19.93
C ASP A 176 30.86 -8.73 19.05
N GLY A 177 30.88 -7.48 19.51
CA GLY A 177 31.45 -6.41 18.72
C GLY A 177 30.69 -6.08 17.45
N ASP A 178 29.39 -6.39 17.40
CA ASP A 178 28.56 -6.04 16.25
C ASP A 178 27.98 -4.63 16.36
N CYS A 179 28.18 -3.97 17.50
CA CYS A 179 27.65 -2.63 17.74
C CYS A 179 26.13 -2.60 17.59
N SER A 180 25.47 -3.67 18.02
CA SER A 180 24.01 -3.68 18.02
C SER A 180 23.43 -2.71 19.02
N LYS A 181 24.10 -2.52 20.16
CA LYS A 181 23.60 -1.58 21.15
C LYS A 181 23.58 -0.15 20.59
N GLY A 182 24.63 0.21 19.84
CA GLY A 182 24.69 1.56 19.29
C GLY A 182 23.66 1.80 18.21
N PHE A 183 23.61 0.91 17.21
CA PHE A 183 22.73 1.13 16.07
C PHE A 183 21.26 1.15 16.48
N PHE A 184 20.84 0.21 17.32
CA PHE A 184 19.44 0.16 17.70
C PHE A 184 19.05 1.33 18.61
N LEU A 185 19.91 1.67 19.58
CA LEU A 185 19.52 2.69 20.55
C LEU A 185 19.61 4.09 19.97
N VAL A 186 20.62 4.36 19.14
CA VAL A 186 20.68 5.65 18.45
C VAL A 186 19.44 5.84 17.58
N SER A 187 19.02 4.78 16.88
CA SER A 187 17.80 4.84 16.10
C SER A 187 16.59 5.07 16.99
N LEU A 188 16.49 4.31 18.09
CA LEU A 188 15.38 4.46 19.02
C LEU A 188 15.38 5.84 19.67
N LEU A 189 16.57 6.40 19.92
CA LEU A 189 16.66 7.73 20.50
C LEU A 189 16.23 8.80 19.51
N VAL A 190 16.61 8.64 18.24
CA VAL A 190 16.14 9.54 17.20
C VAL A 190 14.64 9.45 17.05
N GLU A 191 14.07 8.24 17.17
CA GLU A 191 12.64 8.06 16.99
C GLU A 191 11.85 8.85 18.03
N ILE A 192 12.36 8.93 19.26
CA ILE A 192 11.67 9.65 20.32
C ILE A 192 11.78 11.15 20.11
N ALA A 193 12.93 11.62 19.63
CA ALA A 193 13.10 13.05 19.38
C ALA A 193 12.11 13.56 18.34
N ALA A 194 11.87 12.76 17.30
CA ALA A 194 10.90 13.12 16.25
C ALA A 194 9.47 12.90 16.71
N ALA A 195 9.21 11.89 17.53
CA ALA A 195 7.86 11.63 18.02
C ALA A 195 7.34 12.75 18.90
N SER A 196 8.22 13.60 19.43
CA SER A 196 7.76 14.73 20.23
C SER A 196 7.02 15.76 19.40
N ALA A 197 7.01 15.62 18.08
CA ALA A 197 6.25 16.47 17.19
C ALA A 197 4.89 15.87 16.82
N ILE A 198 4.65 14.60 17.15
CA ILE A 198 3.40 13.97 16.75
C ILE A 198 2.22 14.55 17.52
N LYS A 199 2.44 15.01 18.75
CA LYS A 199 1.33 15.49 19.57
C LYS A 199 0.72 16.78 19.03
N VAL A 200 1.46 17.54 18.22
CA VAL A 200 0.91 18.76 17.65
C VAL A 200 0.37 18.54 16.24
N ILE A 201 0.33 17.29 15.77
CA ILE A 201 -0.31 17.00 14.48
C ILE A 201 -1.81 17.27 14.52
N PRO A 202 -2.56 16.94 15.58
CA PRO A 202 -3.97 17.33 15.60
C PRO A 202 -4.17 18.83 15.67
N THR A 203 -3.23 19.56 16.27
CA THR A 203 -3.33 21.03 16.30
C THR A 203 -3.26 21.61 14.90
N VAL A 204 -2.38 21.05 14.05
CA VAL A 204 -2.24 21.54 12.69
C VAL A 204 -3.52 21.33 11.89
N PHE A 205 -4.17 20.18 12.09
CA PHE A 205 -5.40 19.91 11.34
C PHE A 205 -6.61 20.60 11.97
N LYS A 206 -6.59 20.82 13.29
CA LYS A 206 -7.65 21.61 13.90
C LYS A 206 -7.59 23.05 13.41
N ALA A 207 -6.40 23.66 13.48
CA ALA A 207 -6.27 25.07 13.09
C ALA A 207 -6.54 25.29 11.61
N MET A 208 -6.23 24.32 10.75
CA MET A 208 -6.50 24.47 9.33
C MET A 208 -8.00 24.58 9.07
N GLN A 209 -8.80 23.83 9.83
CA GLN A 209 -10.25 23.83 9.58
C GLN A 209 -10.93 25.01 10.27
N MET A 210 -10.56 25.30 11.52
CA MET A 210 -11.10 26.47 12.21
C MET A 210 -10.50 27.77 11.71
N GLN A 211 -9.52 27.70 10.80
CA GLN A 211 -8.82 28.87 10.28
C GLN A 211 -8.26 29.71 11.43
N GLU A 212 -7.28 29.12 12.11
CA GLU A 212 -6.56 29.75 13.21
C GLU A 212 -5.12 29.93 12.76
N ARG A 213 -4.86 31.03 12.05
CA ARG A 213 -3.56 31.24 11.44
C ARG A 213 -2.43 31.30 12.48
N ASP A 214 -2.71 31.85 13.66
CA ASP A 214 -1.64 32.04 14.65
C ASP A 214 -1.16 30.70 15.21
N THR A 215 -2.07 29.90 15.76
CA THR A 215 -1.69 28.62 16.35
C THR A 215 -1.13 27.66 15.31
N LEU A 216 -1.56 27.80 14.05
CA LEU A 216 -0.98 26.98 12.98
C LEU A 216 0.47 27.33 12.76
N LEU A 217 0.81 28.62 12.84
CA LEU A 217 2.22 29.02 12.78
C LEU A 217 2.99 28.42 13.96
N LYS A 218 2.48 28.62 15.18
CA LYS A 218 3.16 28.12 16.36
C LYS A 218 3.33 26.60 16.29
N ALA A 219 2.32 25.89 15.79
CA ALA A 219 2.41 24.44 15.65
C ALA A 219 3.44 24.03 14.62
N LEU A 220 3.43 24.67 13.44
CA LEU A 220 4.42 24.33 12.42
C LEU A 220 5.84 24.57 12.94
N LEU A 221 6.05 25.67 13.67
CA LEU A 221 7.37 25.92 14.22
C LEU A 221 7.79 24.84 15.21
N GLU A 222 6.85 24.40 16.05
CA GLU A 222 7.15 23.36 17.02
C GLU A 222 7.53 22.05 16.34
N ILE A 223 6.85 21.72 15.23
CA ILE A 223 7.22 20.55 14.44
C ILE A 223 8.65 20.70 13.93
N ALA A 224 8.98 21.86 13.36
CA ALA A 224 10.32 22.07 12.85
C ALA A 224 11.37 22.07 13.95
N SER A 225 10.98 22.46 15.17
CA SER A 225 11.93 22.43 16.28
C SER A 225 12.30 20.99 16.63
N CYS A 226 11.29 20.10 16.70
CA CYS A 226 11.54 18.71 17.07
C CYS A 226 12.38 17.99 16.04
N LEU A 227 12.09 18.21 14.75
CA LEU A 227 12.87 17.55 13.72
C LEU A 227 14.33 17.99 13.75
N GLU A 228 14.59 19.28 13.98
CA GLU A 228 15.97 19.75 14.06
C GLU A 228 16.66 19.19 15.29
N LYS A 229 15.92 18.96 16.38
CA LYS A 229 16.49 18.31 17.55
C LYS A 229 16.83 16.84 17.27
N ALA A 230 16.01 16.18 16.45
CA ALA A 230 16.31 14.79 16.09
C ALA A 230 17.62 14.67 15.33
N LEU A 231 17.95 15.67 14.50
CA LEU A 231 19.23 15.65 13.80
C LEU A 231 20.40 15.74 14.77
N GLN A 232 20.21 16.38 15.92
CA GLN A 232 21.29 16.48 16.91
C GLN A 232 21.54 15.13 17.59
N VAL A 233 20.46 14.43 17.96
CA VAL A 233 20.60 13.09 18.54
C VAL A 233 21.20 12.13 17.53
N PHE A 234 20.89 12.32 16.24
CA PHE A 234 21.43 11.47 15.18
C PHE A 234 22.95 11.50 15.12
N HIS A 235 23.59 12.53 15.68
CA HIS A 235 25.04 12.66 15.59
C HIS A 235 25.77 11.65 16.47
N GLN A 236 25.09 11.10 17.48
CA GLN A 236 25.69 10.11 18.35
C GLN A 236 26.14 8.86 17.60
N ILE A 237 25.56 8.58 16.44
CA ILE A 237 25.82 7.33 15.72
C ILE A 237 27.31 7.16 15.41
N HIS A 238 28.06 8.26 15.35
CA HIS A 238 29.50 8.16 15.13
C HIS A 238 30.23 7.58 16.32
N ASP A 239 29.66 7.69 17.53
CA ASP A 239 30.34 7.31 18.76
C ASP A 239 30.17 5.85 19.13
N HIS A 240 28.99 5.28 18.87
CA HIS A 240 28.66 3.94 19.34
C HIS A 240 28.60 2.91 18.22
N VAL A 241 28.95 3.29 16.99
CA VAL A 241 29.04 2.39 15.85
C VAL A 241 30.34 2.70 15.11
N ASN A 242 31.00 1.66 14.61
CA ASN A 242 32.17 1.86 13.75
C ASN A 242 31.93 1.19 12.41
N PRO A 243 32.47 1.76 11.32
CA PRO A 243 32.05 1.29 9.98
C PRO A 243 32.35 -0.17 9.70
N LYS A 244 33.48 -0.68 10.18
CA LYS A 244 33.84 -2.07 9.91
C LYS A 244 32.91 -3.03 10.64
N ALA A 245 32.61 -2.77 11.92
CA ALA A 245 31.72 -3.65 12.66
C ALA A 245 30.32 -3.67 12.06
N PHE A 246 29.83 -2.49 11.64
CA PHE A 246 28.49 -2.45 11.07
C PHE A 246 28.43 -3.15 9.72
N PHE A 247 29.33 -2.78 8.80
CA PHE A 247 29.25 -3.28 7.44
C PHE A 247 29.53 -4.78 7.38
N SER A 248 30.49 -5.26 8.17
CA SER A 248 30.92 -6.65 8.07
C SER A 248 30.13 -7.61 8.95
N VAL A 249 29.54 -7.11 10.05
CA VAL A 249 28.86 -7.98 10.99
C VAL A 249 27.36 -7.67 11.06
N LEU A 250 27.00 -6.53 11.65
CA LEU A 250 25.59 -6.24 11.94
C LEU A 250 24.76 -6.19 10.67
N ARG A 251 25.31 -5.63 9.59
CA ARG A 251 24.54 -5.51 8.35
C ARG A 251 24.14 -6.88 7.81
N ILE A 252 24.94 -7.90 8.08
CA ILE A 252 24.64 -9.24 7.56
C ILE A 252 23.37 -9.79 8.19
N TYR A 253 23.26 -9.69 9.52
CA TYR A 253 22.14 -10.26 10.26
C TYR A 253 20.84 -9.48 10.06
N LEU A 254 20.88 -8.30 9.48
CA LEU A 254 19.66 -7.58 9.11
C LEU A 254 19.18 -7.93 7.71
N SER A 255 20.01 -8.58 6.89
CA SER A 255 19.61 -8.91 5.53
C SER A 255 18.47 -9.92 5.53
N GLY A 256 17.50 -9.68 4.67
CA GLY A 256 16.38 -10.57 4.48
C GLY A 256 16.57 -11.49 3.29
N TRP A 257 15.46 -11.89 2.69
CA TRP A 257 15.47 -12.81 1.57
C TRP A 257 14.36 -12.41 0.58
N LYS A 258 14.50 -11.21 0.02
CA LYS A 258 13.66 -10.78 -1.09
C LYS A 258 14.59 -10.08 -2.08
N GLY A 259 14.74 -10.65 -3.26
CA GLY A 259 15.71 -10.13 -4.19
C GLY A 259 17.14 -10.34 -3.75
N ASN A 260 17.43 -11.47 -3.13
CA ASN A 260 18.78 -11.78 -2.66
C ASN A 260 19.32 -13.01 -3.37
N PRO A 261 20.55 -12.96 -3.89
CA PRO A 261 21.08 -14.11 -4.63
C PRO A 261 21.29 -15.34 -3.78
N GLN A 262 21.58 -15.17 -2.49
CA GLN A 262 21.89 -16.30 -1.62
C GLN A 262 20.64 -17.06 -1.19
N LEU A 263 19.46 -16.44 -1.28
CA LEU A 263 18.18 -17.11 -1.06
C LEU A 263 17.27 -16.71 -2.21
N SER A 264 17.39 -17.44 -3.33
CA SER A 264 16.86 -16.96 -4.60
C SER A 264 15.34 -16.77 -4.55
N ASP A 265 14.61 -17.72 -3.96
CA ASP A 265 13.15 -17.67 -3.95
C ASP A 265 12.59 -17.73 -2.54
N GLY A 266 13.31 -17.17 -1.56
CA GLY A 266 12.75 -17.00 -0.23
C GLY A 266 13.27 -17.97 0.81
N LEU A 267 12.45 -18.26 1.81
CA LEU A 267 12.83 -19.12 2.91
C LEU A 267 11.73 -20.15 3.16
N VAL A 268 12.13 -21.37 3.47
CA VAL A 268 11.18 -22.42 3.80
C VAL A 268 10.78 -22.28 5.26
N TYR A 269 9.50 -22.01 5.51
CA TYR A 269 8.91 -22.05 6.84
C TYR A 269 8.25 -23.42 6.97
N GLU A 270 9.01 -24.38 7.51
CA GLU A 270 8.63 -25.78 7.48
C GLU A 270 7.41 -26.05 8.33
N GLY A 271 6.44 -26.76 7.75
CA GLY A 271 5.19 -27.07 8.43
C GLY A 271 4.15 -25.97 8.37
N PHE A 272 4.47 -24.81 7.82
CA PHE A 272 3.51 -23.72 7.71
C PHE A 272 3.22 -23.31 6.27
N TRP A 273 4.20 -23.39 5.37
CA TRP A 273 3.98 -23.09 3.96
C TRP A 273 4.70 -24.12 3.11
N GLU A 274 3.98 -24.68 2.14
CA GLU A 274 4.59 -25.66 1.23
C GLU A 274 5.67 -25.03 0.36
N ASP A 275 5.62 -23.71 0.17
CA ASP A 275 6.52 -23.02 -0.74
C ASP A 275 7.30 -21.95 -0.01
N PRO A 276 8.53 -21.67 -0.44
CA PRO A 276 9.30 -20.58 0.20
C PRO A 276 8.68 -19.23 -0.10
N LYS A 277 8.84 -18.31 0.85
CA LYS A 277 8.30 -16.96 0.76
C LYS A 277 9.43 -15.94 0.87
N GLU A 278 9.32 -14.87 0.08
CA GLU A 278 10.30 -13.79 0.10
C GLU A 278 9.83 -12.66 1.01
N PHE A 279 10.79 -12.10 1.76
CA PHE A 279 10.53 -11.01 2.69
C PHE A 279 11.78 -10.16 2.80
N ALA A 280 11.58 -8.86 3.03
CA ALA A 280 12.67 -7.91 3.07
C ALA A 280 13.28 -7.80 4.47
N GLY A 281 14.57 -7.52 4.50
CA GLY A 281 15.27 -7.31 5.76
C GLY A 281 14.84 -6.03 6.44
N GLY A 282 15.38 -5.83 7.64
CA GLY A 282 15.02 -4.66 8.43
C GLY A 282 15.43 -3.37 7.75
N SER A 283 14.70 -2.30 8.06
CA SER A 283 14.95 -0.99 7.49
C SER A 283 14.25 0.06 8.34
N ALA A 284 14.89 1.25 8.43
CA ALA A 284 14.26 2.39 9.07
C ALA A 284 13.10 2.95 8.26
N GLY A 285 12.98 2.56 6.99
CA GLY A 285 11.77 2.84 6.24
C GLY A 285 10.55 2.13 6.78
N GLN A 286 10.74 1.17 7.68
CA GLN A 286 9.65 0.50 8.38
C GLN A 286 9.17 1.28 9.59
N SER A 287 9.72 2.47 9.83
CA SER A 287 9.30 3.30 10.94
C SER A 287 8.24 4.29 10.48
N SER A 288 7.18 4.44 11.27
CA SER A 288 6.09 5.32 10.86
C SER A 288 6.46 6.78 11.05
N VAL A 289 7.12 7.13 12.16
CA VAL A 289 7.40 8.53 12.44
C VAL A 289 8.31 9.13 11.38
N PHE A 290 9.13 8.31 10.72
CA PHE A 290 10.01 8.83 9.69
C PHE A 290 9.29 8.97 8.35
N GLN A 291 8.23 8.20 8.14
CA GLN A 291 7.40 8.36 6.95
C GLN A 291 6.29 9.37 7.15
N CYS A 292 5.93 9.68 8.40
CA CYS A 292 4.71 10.42 8.65
C CYS A 292 4.87 11.90 8.32
N PHE A 293 6.04 12.46 8.60
CA PHE A 293 6.24 13.89 8.35
C PHE A 293 6.17 14.21 6.86
N ASP A 294 6.70 13.32 6.02
CA ASP A 294 6.49 13.50 4.58
C ASP A 294 5.01 13.51 4.24
N VAL A 295 4.25 12.58 4.83
CA VAL A 295 2.81 12.55 4.58
C VAL A 295 2.15 13.81 5.12
N LEU A 296 2.56 14.25 6.32
CA LEU A 296 1.97 15.43 6.93
C LEU A 296 2.23 16.68 6.09
N LEU A 297 3.49 16.90 5.74
CA LEU A 297 3.89 18.07 4.96
C LEU A 297 3.51 17.99 3.50
N GLY A 298 2.64 17.05 3.11
CA GLY A 298 2.20 17.02 1.74
C GLY A 298 3.25 16.56 0.76
N ILE A 299 4.42 16.16 1.27
CA ILE A 299 5.49 15.61 0.45
C ILE A 299 5.16 14.19 0.06
N GLN A 300 4.50 14.00 -1.08
CA GLN A 300 4.12 12.66 -1.51
C GLN A 300 5.35 11.83 -1.85
N GLN A 301 5.83 11.04 -0.89
CA GLN A 301 6.92 10.11 -1.15
C GLN A 301 6.48 8.84 -1.85
N THR A 302 5.16 8.66 -2.04
CA THR A 302 4.62 7.42 -2.56
C THR A 302 3.88 7.58 -3.88
N ALA A 303 3.67 8.80 -4.36
CA ALA A 303 3.01 9.00 -5.65
C ALA A 303 3.93 8.55 -6.79
N GLY A 304 3.30 8.21 -7.91
CA GLY A 304 4.03 7.70 -9.04
C GLY A 304 4.33 6.21 -8.89
N GLY A 305 5.01 5.68 -9.90
CA GLY A 305 5.35 4.27 -9.92
C GLY A 305 6.84 4.01 -9.77
N GLY A 306 7.56 4.93 -9.15
CA GLY A 306 8.99 4.79 -9.00
C GLY A 306 9.37 3.74 -7.97
N HIS A 307 10.65 3.35 -8.02
CA HIS A 307 11.18 2.38 -7.07
C HIS A 307 11.13 2.91 -5.65
N ALA A 308 11.44 4.20 -5.46
CA ALA A 308 11.42 4.77 -4.12
C ALA A 308 10.01 4.82 -3.56
N ALA A 309 9.06 5.31 -4.36
CA ALA A 309 7.67 5.32 -3.93
C ALA A 309 7.20 3.90 -3.63
N GLN A 310 7.62 2.94 -4.45
CA GLN A 310 7.22 1.56 -4.23
C GLN A 310 7.82 1.01 -2.94
N PHE A 311 9.12 1.24 -2.72
CA PHE A 311 9.78 0.67 -1.56
C PHE A 311 9.17 1.19 -0.26
N LEU A 312 8.97 2.51 -0.16
CA LEU A 312 8.41 3.09 1.06
C LEU A 312 6.99 2.59 1.30
N GLN A 313 6.21 2.40 0.24
CA GLN A 313 4.88 1.82 0.42
C GLN A 313 4.98 0.36 0.81
N ASP A 314 5.96 -0.37 0.26
CA ASP A 314 6.11 -1.78 0.62
C ASP A 314 6.43 -1.95 2.09
N MET A 315 7.21 -1.02 2.65
CA MET A 315 7.61 -1.09 4.05
C MET A 315 6.47 -0.82 5.02
N ARG A 316 5.35 -0.29 4.54
CA ARG A 316 4.21 -0.08 5.42
C ARG A 316 3.56 -1.41 5.79
N ARG A 317 3.72 -2.44 4.96
CA ARG A 317 3.29 -3.79 5.29
C ARG A 317 4.20 -4.45 6.33
N TYR A 318 5.29 -3.79 6.69
CA TYR A 318 6.20 -4.25 7.74
C TYR A 318 6.02 -3.49 9.05
N MET A 319 5.14 -2.50 9.09
CA MET A 319 4.84 -1.78 10.32
C MET A 319 3.68 -2.45 11.05
N PRO A 320 3.59 -2.27 12.37
CA PRO A 320 2.41 -2.74 13.08
C PRO A 320 1.16 -2.19 12.44
N PRO A 321 0.05 -2.94 12.47
CA PRO A 321 -1.18 -2.46 11.80
C PRO A 321 -1.61 -1.08 12.23
N ALA A 322 -1.70 -0.82 13.54
CA ALA A 322 -2.11 0.50 14.02
C ALA A 322 -1.13 1.60 13.62
N HIS A 323 0.13 1.24 13.37
CA HIS A 323 1.11 2.23 12.96
C HIS A 323 0.96 2.61 11.49
N ARG A 324 0.64 1.62 10.64
CA ARG A 324 0.41 1.92 9.24
C ARG A 324 -0.99 2.47 8.98
N ASN A 325 -1.93 2.27 9.92
CA ASN A 325 -3.21 2.95 9.82
C ASN A 325 -3.02 4.46 10.01
N PHE A 326 -2.10 4.85 10.91
CA PHE A 326 -1.85 6.25 11.17
C PHE A 326 -1.28 6.97 9.95
N LEU A 327 -0.48 6.28 9.14
CA LEU A 327 0.10 6.90 7.96
C LEU A 327 -0.99 7.23 6.94
N CYS A 328 -1.81 6.25 6.56
CA CYS A 328 -2.78 6.49 5.51
C CYS A 328 -3.92 7.40 5.99
N SER A 329 -4.25 7.36 7.28
CA SER A 329 -5.26 8.28 7.78
C SER A 329 -4.77 9.72 7.77
N LEU A 330 -3.46 9.95 7.87
CA LEU A 330 -2.96 11.30 7.66
C LEU A 330 -3.14 11.73 6.21
N GLU A 331 -3.05 10.77 5.28
CA GLU A 331 -3.30 11.09 3.87
C GLU A 331 -4.75 11.48 3.63
N SER A 332 -5.66 11.08 4.53
CA SER A 332 -7.08 11.38 4.34
C SER A 332 -7.36 12.87 4.54
N ASN A 333 -6.74 13.47 5.57
CA ASN A 333 -7.03 14.86 5.89
C ASN A 333 -6.53 15.77 4.76
N PRO A 334 -7.08 16.98 4.66
CA PRO A 334 -6.62 17.91 3.63
C PRO A 334 -5.13 18.18 3.79
N SER A 335 -4.45 18.42 2.67
CA SER A 335 -3.00 18.51 2.71
C SER A 335 -2.58 19.83 3.33
N VAL A 336 -1.67 19.75 4.31
CA VAL A 336 -1.16 20.98 4.92
C VAL A 336 -0.41 21.81 3.90
N ARG A 337 0.16 21.18 2.88
CA ARG A 337 0.98 21.90 1.91
C ARG A 337 0.14 22.87 1.10
N GLU A 338 -0.91 22.39 0.43
CA GLU A 338 -1.70 23.26 -0.43
C GLU A 338 -2.42 24.35 0.37
N PHE A 339 -2.75 24.08 1.63
CA PHE A 339 -3.38 25.11 2.47
C PHE A 339 -2.40 26.24 2.75
N VAL A 340 -1.16 25.91 3.13
CA VAL A 340 -0.15 26.93 3.31
C VAL A 340 0.13 27.65 2.00
N LEU A 341 -0.01 26.96 0.87
CA LEU A 341 0.30 27.57 -0.42
C LEU A 341 -0.70 28.64 -0.80
N SER A 342 -1.95 28.49 -0.39
CA SER A 342 -2.99 29.44 -0.78
C SER A 342 -2.93 30.73 0.02
N LYS A 343 -2.43 30.65 1.25
CA LYS A 343 -2.62 31.73 2.22
C LYS A 343 -1.63 32.88 2.07
N GLY A 344 -0.71 32.81 1.10
CA GLY A 344 0.17 33.93 0.79
C GLY A 344 0.72 34.65 2.01
N ASP A 345 1.11 33.87 3.01
CA ASP A 345 1.51 34.35 4.33
C ASP A 345 3.00 34.10 4.49
N ALA A 346 3.80 35.16 4.47
CA ALA A 346 5.25 35.01 4.59
C ALA A 346 5.63 34.36 5.91
N GLY A 347 4.79 34.51 6.95
CA GLY A 347 5.01 33.80 8.19
C GLY A 347 4.73 32.32 8.05
N LEU A 348 3.54 31.96 7.57
CA LEU A 348 3.18 30.55 7.40
C LEU A 348 4.17 29.84 6.48
N ARG A 349 4.47 30.43 5.33
CA ARG A 349 5.33 29.78 4.35
C ARG A 349 6.72 29.55 4.92
N GLU A 350 7.23 30.52 5.69
CA GLU A 350 8.55 30.35 6.29
C GLU A 350 8.54 29.24 7.34
N ALA A 351 7.40 29.06 8.03
CA ALA A 351 7.31 28.00 9.02
C ALA A 351 7.17 26.63 8.35
N TYR A 352 6.30 26.52 7.34
CA TYR A 352 6.17 25.27 6.59
C TYR A 352 7.50 24.87 5.97
N ASP A 353 8.20 25.83 5.35
CA ASP A 353 9.47 25.52 4.73
C ASP A 353 10.49 25.04 5.76
N ALA A 354 10.45 25.59 6.98
CA ALA A 354 11.41 25.22 8.01
C ALA A 354 11.37 23.73 8.28
N CYS A 355 10.16 23.16 8.36
CA CYS A 355 10.03 21.71 8.52
C CYS A 355 10.64 20.96 7.35
N VAL A 356 10.24 21.34 6.13
CA VAL A 356 10.81 20.69 4.94
C VAL A 356 12.33 20.85 4.94
N LYS A 357 12.82 22.03 5.31
CA LYS A 357 14.26 22.24 5.40
C LYS A 357 14.91 21.32 6.43
N ALA A 358 14.20 21.01 7.51
CA ALA A 358 14.73 20.09 8.51
C ALA A 358 14.80 18.66 7.98
N LEU A 359 13.78 18.23 7.22
CA LEU A 359 13.84 16.91 6.61
C LEU A 359 14.97 16.80 5.60
N VAL A 360 15.14 17.83 4.76
CA VAL A 360 16.20 17.78 3.76
C VAL A 360 17.56 17.68 4.42
N SER A 361 17.72 18.37 5.57
CA SER A 361 18.99 18.27 6.29
C SER A 361 19.15 16.90 6.94
N LEU A 362 18.07 16.34 7.48
CA LEU A 362 18.14 15.00 8.05
C LEU A 362 18.46 13.97 6.98
N ARG A 363 17.78 14.06 5.84
CA ARG A 363 18.01 13.10 4.77
C ARG A 363 19.37 13.28 4.11
N SER A 364 19.87 14.53 4.03
CA SER A 364 21.20 14.74 3.45
C SER A 364 22.30 14.34 4.43
N TYR A 365 22.15 14.67 5.71
CA TYR A 365 23.10 14.19 6.70
C TYR A 365 23.10 12.67 6.76
N HIS A 366 21.96 12.04 6.52
CA HIS A 366 21.91 10.58 6.51
C HIS A 366 22.74 10.01 5.35
N LEU A 367 22.83 10.73 4.23
CA LEU A 367 23.62 10.25 3.10
C LEU A 367 25.11 10.30 3.39
N GLN A 368 25.57 11.28 4.16
CA GLN A 368 26.95 11.27 4.64
C GLN A 368 27.20 10.07 5.55
N ILE A 369 26.18 9.63 6.28
CA ILE A 369 26.33 8.45 7.14
C ILE A 369 26.46 7.19 6.31
N VAL A 370 25.65 7.08 5.25
CA VAL A 370 25.64 5.86 4.42
C VAL A 370 27.00 5.65 3.76
N THR A 371 27.52 6.69 3.12
CA THR A 371 28.82 6.56 2.45
C THR A 371 29.92 6.17 3.43
N LYS A 372 29.83 6.65 4.67
CA LYS A 372 30.83 6.28 5.68
C LYS A 372 30.68 4.81 6.07
N TYR A 373 29.46 4.33 6.23
CA TYR A 373 29.19 3.03 6.83
C TYR A 373 28.86 1.94 5.81
N ILE A 374 28.78 2.25 4.52
CA ILE A 374 28.51 1.24 3.52
C ILE A 374 29.44 1.40 2.32
N LEU A 375 29.44 2.59 1.72
CA LEU A 375 30.18 2.78 0.47
C LEU A 375 31.68 2.62 0.68
N ILE A 376 32.22 3.26 1.72
CA ILE A 376 33.66 3.22 1.99
C ILE A 376 34.08 1.82 2.44
N PRO A 377 33.39 1.15 3.37
CA PRO A 377 33.76 -0.24 3.68
C PRO A 377 33.61 -1.18 2.50
N ALA A 378 32.75 -0.86 1.53
CA ALA A 378 32.72 -1.65 0.30
C ALA A 378 33.99 -1.48 -0.52
N SER A 379 34.68 -0.35 -0.36
CA SER A 379 35.89 -0.05 -1.10
C SER A 379 37.16 -0.60 -0.42
N GLN A 380 37.03 -1.60 0.43
CA GLN A 380 38.19 -2.21 1.09
C GLN A 380 37.96 -3.71 1.26
N GLN A 381 37.69 -4.39 0.15
CA GLN A 381 37.56 -5.84 0.15
C GLN A 381 38.91 -6.52 -0.06
N GLY A 401 25.28 -0.91 -4.67
CA GLY A 401 25.86 0.25 -4.02
C GLY A 401 25.33 1.56 -4.56
N THR A 402 25.32 1.70 -5.89
CA THR A 402 24.84 2.93 -6.51
C THR A 402 23.31 3.02 -6.45
N ASP A 403 22.62 1.91 -6.75
CA ASP A 403 21.17 1.91 -6.67
C ASP A 403 20.69 2.19 -5.26
N LEU A 404 21.52 1.92 -4.25
CA LEU A 404 21.23 2.36 -2.90
C LEU A 404 21.25 3.89 -2.82
N MET A 405 22.31 4.51 -3.31
CA MET A 405 22.43 5.96 -3.23
C MET A 405 21.34 6.64 -4.06
N ASN A 406 21.11 6.16 -5.29
CA ASN A 406 20.12 6.78 -6.16
C ASN A 406 18.72 6.68 -5.59
N PHE A 407 18.45 5.70 -4.71
CA PHE A 407 17.19 5.70 -3.98
C PHE A 407 17.15 6.83 -2.97
N LEU A 408 18.17 6.93 -2.11
CA LEU A 408 18.16 7.95 -1.07
C LEU A 408 18.30 9.36 -1.64
N LYS A 409 19.03 9.52 -2.75
CA LYS A 409 19.06 10.81 -3.42
C LYS A 409 17.70 11.16 -4.01
N THR A 410 16.99 10.16 -4.54
CA THR A 410 15.66 10.42 -5.09
C THR A 410 14.69 10.85 -3.99
N VAL A 411 14.80 10.24 -2.80
CA VAL A 411 13.89 10.58 -1.71
C VAL A 411 14.16 12.00 -1.23
N ARG A 412 15.43 12.36 -1.07
CA ARG A 412 15.75 13.73 -0.66
C ARG A 412 15.38 14.73 -1.74
N SER A 413 15.63 14.40 -3.00
CA SER A 413 15.27 15.29 -4.09
C SER A 413 13.77 15.56 -4.13
N THR A 414 12.97 14.55 -3.78
CA THR A 414 11.52 14.74 -3.75
C THR A 414 11.11 15.69 -2.64
N THR A 415 11.89 15.78 -1.55
CA THR A 415 11.53 16.65 -0.44
C THR A 415 11.79 18.11 -0.79
N GLU A 416 12.99 18.41 -1.32
CA GLU A 416 13.31 19.79 -1.67
C GLU A 416 12.45 20.30 -2.84
N LYS A 417 11.85 19.39 -3.62
CA LYS A 417 10.83 19.81 -4.57
C LYS A 417 9.60 20.35 -3.86
N SER A 418 9.37 19.95 -2.62
CA SER A 418 8.26 20.47 -1.83
C SER A 418 8.60 21.77 -1.11
N LEU A 419 9.81 22.29 -1.26
CA LEU A 419 10.13 23.57 -0.65
C LEU A 419 9.21 24.63 -1.23
N LEU A 420 8.71 25.53 -0.38
CA LEU A 420 7.68 26.46 -0.86
C LEU A 420 8.25 27.49 -1.85
N LYS A 421 8.57 26.99 -3.05
CA LYS A 421 8.90 27.80 -4.21
C LYS A 421 8.20 27.25 -5.44
N GLU A 422 7.29 26.29 -5.27
CA GLU A 422 6.58 25.64 -6.36
C GLU A 422 5.18 25.25 -5.93
N SER B 32 -22.90 6.52 3.71
CA SER B 32 -21.70 6.70 4.52
C SER B 32 -21.37 8.18 4.76
N LYS B 33 -20.23 8.64 4.25
CA LYS B 33 -19.75 9.99 4.50
C LYS B 33 -19.53 10.76 3.21
N GLU B 34 -18.81 11.88 3.28
CA GLU B 34 -18.43 12.65 2.10
C GLU B 34 -17.27 12.02 1.34
N TYR B 35 -17.06 10.69 1.50
CA TYR B 35 -16.13 9.91 0.69
C TYR B 35 -16.55 9.82 -0.77
N HIS B 36 -17.55 10.61 -1.18
CA HIS B 36 -18.10 10.59 -2.54
C HIS B 36 -18.69 9.22 -2.87
N ILE B 37 -19.52 8.73 -1.96
CA ILE B 37 -20.29 7.51 -2.13
C ILE B 37 -21.74 7.89 -2.32
N ASP B 38 -22.30 7.52 -3.46
CA ASP B 38 -23.71 7.74 -3.70
C ASP B 38 -24.54 6.67 -3.02
N GLU B 39 -25.71 7.05 -2.52
CA GLU B 39 -26.63 6.06 -1.96
C GLU B 39 -27.26 5.21 -3.05
N GLU B 40 -27.30 5.70 -4.30
CA GLU B 40 -27.95 5.00 -5.39
C GLU B 40 -26.97 4.16 -6.21
N VAL B 41 -25.80 4.72 -6.55
CA VAL B 41 -24.82 4.03 -7.37
C VAL B 41 -23.49 3.80 -6.66
N GLY B 42 -23.38 4.17 -5.38
CA GLY B 42 -22.20 3.80 -4.62
C GLY B 42 -20.98 4.59 -5.03
N PHE B 43 -19.89 3.88 -5.29
CA PHE B 43 -18.61 4.49 -5.64
C PHE B 43 -18.59 5.06 -7.05
N ALA B 44 -19.58 4.76 -7.88
CA ALA B 44 -19.62 5.31 -9.22
C ALA B 44 -19.90 6.81 -9.16
N LEU B 45 -19.69 7.47 -10.30
CA LEU B 45 -20.00 8.89 -10.43
C LEU B 45 -21.46 9.05 -10.80
N PRO B 46 -22.27 9.75 -10.02
CA PRO B 46 -23.71 9.86 -10.32
C PRO B 46 -23.96 10.76 -11.52
N ASN B 47 -24.60 10.19 -12.55
CA ASN B 47 -24.91 10.87 -13.81
C ASN B 47 -23.70 11.64 -14.32
N PRO B 48 -22.67 10.94 -14.80
CA PRO B 48 -21.46 11.65 -15.26
C PRO B 48 -21.73 12.49 -16.49
N GLN B 49 -20.86 13.46 -16.70
CA GLN B 49 -21.05 14.45 -17.76
C GLN B 49 -20.65 13.88 -19.11
N GLU B 50 -21.41 14.27 -20.13
CA GLU B 50 -21.18 13.79 -21.49
C GLU B 50 -20.54 14.84 -22.40
N ASN B 51 -20.65 16.12 -22.07
CA ASN B 51 -20.09 17.18 -22.90
C ASN B 51 -19.25 18.14 -22.05
N LEU B 52 -18.07 18.48 -22.56
CA LEU B 52 -17.14 19.40 -21.92
C LEU B 52 -17.42 20.81 -22.40
N PRO B 53 -16.74 21.81 -21.83
CA PRO B 53 -16.75 23.14 -22.46
C PRO B 53 -16.26 23.05 -23.90
N ASP B 54 -16.95 23.77 -24.79
CA ASP B 54 -16.61 23.69 -26.21
C ASP B 54 -15.19 24.12 -26.49
N PHE B 55 -14.54 24.79 -25.54
CA PHE B 55 -13.09 25.00 -25.57
C PHE B 55 -12.37 23.71 -25.92
N TYR B 56 -12.81 22.60 -25.33
CA TYR B 56 -12.16 21.30 -25.47
C TYR B 56 -12.84 20.42 -26.51
N ASN B 57 -13.53 21.00 -27.50
CA ASN B 57 -14.18 20.20 -28.52
C ASN B 57 -13.18 19.55 -29.47
N ASP B 58 -11.98 20.14 -29.60
CA ASP B 58 -10.90 19.50 -30.34
C ASP B 58 -10.62 18.11 -29.81
N TRP B 59 -10.74 17.93 -28.48
CA TRP B 59 -10.48 16.64 -27.86
C TRP B 59 -11.63 15.67 -28.13
N MET B 60 -12.84 16.04 -27.71
CA MET B 60 -13.94 15.09 -27.69
C MET B 60 -14.41 14.73 -29.09
N PHE B 61 -14.12 15.54 -30.10
CA PHE B 61 -14.36 15.11 -31.48
C PHE B 61 -13.62 13.83 -31.77
N ILE B 62 -12.37 13.72 -31.29
CA ILE B 62 -11.58 12.51 -31.50
C ILE B 62 -12.21 11.33 -30.76
N ALA B 63 -12.48 11.52 -29.46
CA ALA B 63 -12.86 10.41 -28.60
C ALA B 63 -14.15 9.75 -29.07
N LYS B 64 -15.15 10.55 -29.47
CA LYS B 64 -16.44 9.98 -29.84
C LYS B 64 -16.41 9.28 -31.20
N HIS B 65 -15.36 9.48 -32.00
CA HIS B 65 -15.24 8.86 -33.31
C HIS B 65 -14.01 7.96 -33.41
N LEU B 66 -13.56 7.45 -32.26
CA LEU B 66 -12.42 6.53 -32.24
C LEU B 66 -12.68 5.24 -33.01
N PRO B 67 -13.86 4.61 -32.96
CA PRO B 67 -14.04 3.36 -33.72
C PRO B 67 -13.75 3.48 -35.20
N ASP B 68 -14.03 4.62 -35.83
CA ASP B 68 -13.79 4.79 -37.26
C ASP B 68 -12.64 5.75 -37.56
N LEU B 69 -11.95 6.25 -36.55
CA LEU B 69 -10.69 6.97 -36.75
C LEU B 69 -9.48 6.04 -36.71
N ILE B 70 -9.59 4.93 -35.99
CA ILE B 70 -8.49 3.97 -35.93
C ILE B 70 -8.47 3.09 -37.18
N GLU B 71 -9.65 2.71 -37.68
CA GLU B 71 -9.74 1.86 -38.86
C GLU B 71 -9.02 2.47 -40.05
N SER B 72 -9.06 3.80 -40.17
CA SER B 72 -8.59 4.51 -41.36
C SER B 72 -7.13 4.93 -41.27
N GLY B 73 -6.40 4.48 -40.24
CA GLY B 73 -5.02 4.88 -40.08
C GLY B 73 -4.82 6.37 -39.89
N GLN B 74 -5.87 7.10 -39.52
CA GLN B 74 -5.79 8.54 -39.37
C GLN B 74 -6.02 9.01 -37.94
N LEU B 75 -6.13 8.08 -36.98
CA LEU B 75 -6.25 8.47 -35.58
C LEU B 75 -4.93 9.00 -35.06
N ARG B 76 -3.84 8.27 -35.30
CA ARG B 76 -2.53 8.70 -34.81
C ARG B 76 -2.14 10.06 -35.37
N GLU B 77 -2.47 10.31 -36.65
CA GLU B 77 -2.05 11.55 -37.29
C GLU B 77 -2.80 12.75 -36.72
N ARG B 78 -4.12 12.63 -36.56
CA ARG B 78 -4.90 13.75 -36.04
C ARG B 78 -4.55 14.06 -34.58
N VAL B 79 -4.07 13.06 -33.83
CA VAL B 79 -3.56 13.32 -32.49
C VAL B 79 -2.26 14.12 -32.57
N GLU B 80 -1.36 13.71 -33.45
CA GLU B 80 -0.11 14.43 -33.65
C GLU B 80 -0.33 15.86 -34.14
N LYS B 81 -1.52 16.17 -34.66
CA LYS B 81 -1.82 17.50 -35.18
C LYS B 81 -2.19 18.48 -34.07
N LEU B 82 -2.98 18.02 -33.11
CA LEU B 82 -3.61 18.92 -32.14
C LEU B 82 -2.57 19.74 -31.39
N ASN B 83 -2.92 20.99 -31.09
CA ASN B 83 -2.03 21.87 -30.35
C ASN B 83 -2.36 21.81 -28.86
N MET B 84 -1.32 22.02 -28.04
CA MET B 84 -1.41 21.84 -26.60
C MET B 84 -2.44 22.75 -25.94
N LEU B 85 -3.55 22.17 -25.50
CA LEU B 85 -4.57 22.91 -24.74
C LEU B 85 -4.22 22.89 -23.25
N SER B 86 -4.72 23.92 -22.55
CA SER B 86 -4.48 24.07 -21.12
C SER B 86 -5.67 23.53 -20.33
N ILE B 87 -5.38 23.06 -19.12
CA ILE B 87 -6.39 22.38 -18.30
C ILE B 87 -6.99 23.37 -17.31
N ASP B 88 -6.62 24.64 -17.44
CA ASP B 88 -7.07 25.64 -16.49
C ASP B 88 -8.53 26.02 -16.65
N HIS B 89 -9.34 25.29 -17.43
CA HIS B 89 -10.75 25.66 -17.64
C HIS B 89 -11.67 24.48 -17.38
N LEU B 90 -11.23 23.55 -16.53
CA LEU B 90 -12.07 22.43 -16.07
C LEU B 90 -12.68 22.85 -14.74
N THR B 91 -13.96 23.26 -14.78
CA THR B 91 -14.54 23.94 -13.62
C THR B 91 -14.93 22.96 -12.52
N ASP B 92 -15.91 22.10 -12.77
CA ASP B 92 -16.40 21.20 -11.74
C ASP B 92 -15.53 19.95 -11.63
N HIS B 93 -15.95 19.02 -10.76
CA HIS B 93 -15.28 17.72 -10.69
C HIS B 93 -15.81 16.76 -11.75
N LYS B 94 -17.09 16.86 -12.08
CA LYS B 94 -17.70 15.93 -13.03
C LYS B 94 -17.11 16.03 -14.43
N SER B 95 -16.52 17.18 -14.79
CA SER B 95 -15.91 17.33 -16.11
C SER B 95 -14.40 17.16 -16.06
N GLN B 96 -13.77 17.25 -14.89
CA GLN B 96 -12.40 16.79 -14.77
C GLN B 96 -12.33 15.28 -14.93
N ARG B 97 -13.36 14.57 -14.48
CA ARG B 97 -13.43 13.14 -14.72
C ARG B 97 -13.65 12.85 -16.20
N LEU B 98 -14.68 13.49 -16.78
CA LEU B 98 -14.95 13.34 -18.20
C LEU B 98 -13.72 13.68 -19.04
N ALA B 99 -12.95 14.68 -18.61
CA ALA B 99 -11.71 15.01 -19.31
C ALA B 99 -10.70 13.88 -19.21
N ARG B 100 -10.54 13.29 -18.01
CA ARG B 100 -9.61 12.19 -17.84
C ARG B 100 -10.03 10.97 -18.63
N LEU B 101 -11.34 10.76 -18.78
CA LEU B 101 -11.83 9.65 -19.60
C LEU B 101 -11.50 9.88 -21.08
N VAL B 102 -11.76 11.09 -21.58
CA VAL B 102 -11.45 11.40 -22.97
C VAL B 102 -9.95 11.32 -23.21
N LEU B 103 -9.15 11.99 -22.36
CA LEU B 103 -7.71 11.94 -22.51
C LEU B 103 -7.16 10.53 -22.32
N GLY B 104 -7.83 9.72 -21.49
CA GLY B 104 -7.39 8.36 -21.27
C GLY B 104 -7.74 7.43 -22.43
N CYS B 105 -8.94 7.63 -23.00
CA CYS B 105 -9.35 6.82 -24.14
C CYS B 105 -8.52 7.13 -25.38
N ILE B 106 -8.19 8.40 -25.59
CA ILE B 106 -7.33 8.77 -26.70
C ILE B 106 -5.94 8.16 -26.51
N THR B 107 -5.43 8.23 -25.28
CA THR B 107 -4.08 7.71 -25.01
C THR B 107 -4.00 6.22 -25.27
N MET B 108 -5.07 5.49 -24.93
CA MET B 108 -5.11 4.06 -25.24
C MET B 108 -5.18 3.82 -26.74
N ALA B 109 -6.01 4.60 -27.45
CA ALA B 109 -6.14 4.43 -28.89
C ALA B 109 -4.87 4.84 -29.62
N TYR B 110 -4.14 5.82 -29.10
CA TYR B 110 -2.95 6.29 -29.79
C TYR B 110 -1.82 5.28 -29.70
N VAL B 111 -1.59 4.69 -28.53
CA VAL B 111 -0.41 3.84 -28.39
C VAL B 111 -0.65 2.42 -28.88
N TRP B 112 -1.90 1.95 -28.92
CA TRP B 112 -2.17 0.59 -29.37
C TRP B 112 -2.61 0.52 -30.82
N GLY B 113 -2.95 1.65 -31.43
CA GLY B 113 -3.25 1.69 -32.85
C GLY B 113 -4.40 0.78 -33.22
N LYS B 114 -4.20 0.02 -34.30
CA LYS B 114 -5.22 -0.91 -34.78
C LYS B 114 -5.34 -2.14 -33.90
N GLY B 115 -4.34 -2.41 -33.06
CA GLY B 115 -4.40 -3.50 -32.11
C GLY B 115 -3.68 -4.78 -32.51
N HIS B 116 -2.81 -4.73 -33.50
CA HIS B 116 -2.14 -5.91 -34.03
C HIS B 116 -0.62 -5.79 -33.91
N GLY B 117 -0.15 -5.15 -32.84
CA GLY B 117 1.26 -5.13 -32.53
C GLY B 117 2.04 -3.92 -33.01
N ASP B 118 1.37 -2.84 -33.40
CA ASP B 118 2.04 -1.59 -33.74
C ASP B 118 1.94 -0.66 -32.54
N VAL B 119 3.10 -0.26 -32.00
CA VAL B 119 3.16 0.39 -30.70
C VAL B 119 3.85 1.74 -30.85
N ARG B 120 3.21 2.79 -30.34
CA ARG B 120 3.86 4.09 -30.18
C ARG B 120 4.44 4.18 -28.77
N LYS B 121 5.75 4.37 -28.68
CA LYS B 121 6.45 4.40 -27.41
C LYS B 121 6.61 5.80 -26.85
N VAL B 122 6.13 6.82 -27.55
CA VAL B 122 6.17 8.20 -27.07
C VAL B 122 4.82 8.84 -27.33
N LEU B 123 4.21 9.41 -26.28
CA LEU B 123 2.95 10.14 -26.43
C LEU B 123 3.23 11.56 -26.89
N PRO B 124 2.45 12.09 -27.82
CA PRO B 124 2.71 13.45 -28.33
C PRO B 124 2.71 14.48 -27.23
N ARG B 125 3.60 15.47 -27.35
CA ARG B 125 3.78 16.47 -26.31
C ARG B 125 2.48 17.24 -26.03
N ASN B 126 1.73 17.54 -27.09
CA ASN B 126 0.54 18.38 -26.97
C ASN B 126 -0.68 17.66 -26.42
N ILE B 127 -0.52 16.42 -25.96
CA ILE B 127 -1.57 15.74 -25.21
C ILE B 127 -0.97 15.08 -23.97
N ALA B 128 0.36 14.93 -23.96
CA ALA B 128 1.00 14.28 -22.81
C ALA B 128 0.88 15.13 -21.57
N VAL B 129 1.28 16.40 -21.64
CA VAL B 129 1.32 17.26 -20.46
C VAL B 129 -0.08 17.75 -20.08
N PRO B 130 -1.07 17.84 -20.98
CA PRO B 130 -2.45 18.02 -20.49
C PRO B 130 -2.96 16.81 -19.73
N TYR B 131 -2.53 15.60 -20.11
CA TYR B 131 -2.98 14.40 -19.40
C TYR B 131 -2.38 14.34 -18.01
N CYS B 132 -1.10 14.68 -17.88
CA CYS B 132 -0.41 14.54 -16.60
C CYS B 132 -0.74 15.69 -15.65
N GLN B 133 -0.84 16.92 -16.18
CA GLN B 133 -1.22 18.04 -15.33
C GLN B 133 -2.56 17.80 -14.67
N LEU B 134 -3.50 17.20 -15.40
CA LEU B 134 -4.81 16.90 -14.82
C LEU B 134 -4.71 15.72 -13.87
N SER B 135 -3.99 14.67 -14.27
CA SER B 135 -3.99 13.42 -13.52
C SER B 135 -3.49 13.63 -12.10
N LYS B 136 -2.40 14.38 -11.94
CA LYS B 136 -1.83 14.59 -10.61
C LYS B 136 -2.47 15.76 -9.87
N LYS B 137 -3.57 16.31 -10.38
CA LYS B 137 -4.47 17.12 -9.58
C LYS B 137 -5.69 16.34 -9.12
N LEU B 138 -5.93 15.16 -9.69
CA LEU B 138 -6.86 14.19 -9.14
C LEU B 138 -6.15 13.01 -8.48
N GLU B 139 -4.82 13.05 -8.41
CA GLU B 139 -4.00 12.04 -7.73
C GLU B 139 -4.18 10.66 -8.36
N LEU B 140 -4.38 10.63 -9.67
CA LEU B 140 -4.49 9.41 -10.46
C LEU B 140 -3.29 9.29 -11.40
N PRO B 141 -2.98 8.08 -11.84
CA PRO B 141 -1.86 7.91 -12.79
C PRO B 141 -2.31 8.21 -14.21
N PRO B 142 -1.41 8.75 -15.03
CA PRO B 142 -1.79 9.12 -16.41
C PRO B 142 -1.99 7.90 -17.30
N ILE B 143 -3.12 7.22 -17.11
CA ILE B 143 -3.50 6.07 -17.92
C ILE B 143 -4.96 5.74 -17.61
N LEU B 144 -5.68 5.19 -18.59
CA LEU B 144 -7.07 4.83 -18.39
C LEU B 144 -7.21 3.83 -17.25
N VAL B 145 -7.82 4.24 -16.14
CA VAL B 145 -8.02 3.35 -15.01
C VAL B 145 -9.49 2.94 -14.90
N TYR B 146 -9.80 2.13 -13.89
CA TYR B 146 -11.15 1.59 -13.75
C TYR B 146 -12.17 2.69 -13.49
N ALA B 147 -11.78 3.70 -12.72
CA ALA B 147 -12.70 4.79 -12.38
C ALA B 147 -13.01 5.69 -13.57
N ASP B 148 -12.12 5.75 -14.55
CA ASP B 148 -12.38 6.52 -15.77
C ASP B 148 -13.39 5.81 -16.66
N CYS B 149 -13.04 4.63 -17.15
CA CYS B 149 -13.77 3.97 -18.22
C CYS B 149 -14.95 3.15 -17.73
N VAL B 150 -15.28 3.19 -16.45
CA VAL B 150 -16.43 2.45 -15.93
C VAL B 150 -17.30 3.38 -15.10
N LEU B 151 -16.69 4.06 -14.13
CA LEU B 151 -17.45 4.85 -13.18
C LEU B 151 -17.91 6.18 -13.79
N ALA B 152 -17.08 6.79 -14.63
CA ALA B 152 -17.42 8.04 -15.29
C ALA B 152 -17.82 7.85 -16.75
N ASN B 153 -18.20 6.63 -17.13
CA ASN B 153 -18.36 6.24 -18.53
C ASN B 153 -19.72 5.60 -18.76
N TRP B 154 -20.78 6.27 -18.32
CA TRP B 154 -22.12 5.73 -18.49
C TRP B 154 -23.11 6.88 -18.52
N LYS B 155 -24.35 6.56 -18.90
CA LYS B 155 -25.46 7.49 -18.90
C LYS B 155 -26.74 6.69 -19.06
N LYS B 156 -27.85 7.29 -18.62
CA LYS B 156 -29.15 6.66 -18.75
C LYS B 156 -29.74 7.02 -20.12
N LYS B 157 -30.31 6.02 -20.79
CA LYS B 157 -31.01 6.28 -22.04
C LYS B 157 -32.20 7.21 -21.81
N ASP B 158 -33.16 6.76 -21.01
CA ASP B 158 -34.24 7.62 -20.55
C ASP B 158 -33.91 8.12 -19.15
N PRO B 159 -33.68 9.42 -18.95
CA PRO B 159 -33.27 9.90 -17.62
C PRO B 159 -34.27 9.61 -16.52
N ASN B 160 -35.51 9.25 -16.86
CA ASN B 160 -36.53 8.98 -15.86
C ASN B 160 -36.84 7.49 -15.80
N LYS B 161 -35.80 6.67 -15.69
CA LYS B 161 -35.96 5.22 -15.82
C LYS B 161 -34.94 4.54 -14.92
N PRO B 162 -35.10 3.23 -14.67
CA PRO B 162 -34.18 2.53 -13.75
C PRO B 162 -32.77 2.33 -14.31
N LEU B 163 -32.01 1.46 -13.65
CA LEU B 163 -30.61 1.20 -13.99
C LEU B 163 -30.47 -0.25 -14.47
N THR B 164 -30.92 -0.50 -15.69
CA THR B 164 -30.82 -1.81 -16.31
C THR B 164 -29.96 -1.69 -17.56
N TYR B 165 -29.49 -2.84 -18.05
CA TYR B 165 -28.65 -2.85 -19.24
C TYR B 165 -29.38 -2.27 -20.44
N GLU B 166 -30.72 -2.38 -20.46
CA GLU B 166 -31.50 -1.81 -21.54
C GLU B 166 -31.40 -0.28 -21.56
N ASN B 167 -31.68 0.35 -20.42
CA ASN B 167 -31.77 1.80 -20.31
C ASN B 167 -30.41 2.50 -20.12
N MET B 168 -29.31 1.85 -20.47
CA MET B 168 -27.99 2.43 -20.27
C MET B 168 -27.16 2.30 -21.53
N ASP B 169 -26.10 3.11 -21.60
CA ASP B 169 -25.21 3.11 -22.75
C ASP B 169 -23.89 3.71 -22.33
N VAL B 170 -22.80 3.11 -22.78
CA VAL B 170 -21.46 3.58 -22.50
C VAL B 170 -21.16 4.81 -23.35
N LEU B 171 -20.32 5.72 -22.81
CA LEU B 171 -20.04 6.98 -23.49
C LEU B 171 -18.94 6.85 -24.55
N PHE B 172 -18.01 5.90 -24.40
CA PHE B 172 -16.89 5.80 -25.31
C PHE B 172 -16.50 4.34 -25.53
N SER B 173 -16.17 4.01 -26.78
CA SER B 173 -15.69 2.69 -27.15
C SER B 173 -14.45 2.83 -28.02
N PHE B 174 -13.76 1.71 -28.26
CA PHE B 174 -12.49 1.76 -28.98
C PHE B 174 -12.66 1.49 -30.47
N ARG B 175 -13.16 0.31 -30.83
CA ARG B 175 -13.43 -0.02 -32.22
C ARG B 175 -14.71 -0.84 -32.27
N ASP B 176 -15.46 -0.68 -33.36
CA ASP B 176 -16.78 -1.27 -33.45
C ASP B 176 -16.75 -2.78 -33.21
N GLY B 177 -17.79 -3.29 -32.56
CA GLY B 177 -17.90 -4.71 -32.33
C GLY B 177 -16.94 -5.27 -31.31
N ASP B 178 -16.46 -4.44 -30.38
CA ASP B 178 -15.56 -4.88 -29.32
C ASP B 178 -16.29 -5.22 -28.03
N CYS B 179 -17.62 -5.15 -28.03
CA CYS B 179 -18.43 -5.50 -26.86
C CYS B 179 -18.03 -4.70 -25.63
N SER B 180 -17.44 -3.53 -25.86
CA SER B 180 -17.06 -2.67 -24.74
C SER B 180 -18.27 -2.11 -24.01
N LYS B 181 -19.42 -2.00 -24.66
CA LYS B 181 -20.61 -1.54 -23.94
C LYS B 181 -21.10 -2.62 -22.98
N GLY B 182 -21.01 -3.89 -23.37
CA GLY B 182 -21.35 -4.96 -22.46
C GLY B 182 -20.37 -5.07 -21.31
N PHE B 183 -19.08 -5.01 -21.62
CA PHE B 183 -18.05 -5.19 -20.60
C PHE B 183 -18.13 -4.11 -19.52
N PHE B 184 -18.17 -2.84 -19.94
CA PHE B 184 -18.17 -1.75 -18.97
C PHE B 184 -19.46 -1.69 -18.17
N LEU B 185 -20.59 -2.11 -18.76
CA LEU B 185 -21.89 -1.91 -18.11
C LEU B 185 -22.17 -2.99 -17.07
N VAL B 186 -22.09 -4.27 -17.46
CA VAL B 186 -22.36 -5.32 -16.48
C VAL B 186 -21.34 -5.28 -15.36
N SER B 187 -20.12 -4.84 -15.64
CA SER B 187 -19.17 -4.61 -14.56
C SER B 187 -19.62 -3.45 -13.68
N LEU B 188 -20.19 -2.40 -14.28
CA LEU B 188 -20.73 -1.30 -13.48
C LEU B 188 -22.02 -1.71 -12.79
N LEU B 189 -22.80 -2.62 -13.39
CA LEU B 189 -24.07 -3.00 -12.80
C LEU B 189 -23.88 -3.80 -11.53
N VAL B 190 -22.95 -4.75 -11.53
CA VAL B 190 -22.64 -5.46 -10.28
C VAL B 190 -21.90 -4.56 -9.32
N GLU B 191 -21.20 -3.54 -9.82
CA GLU B 191 -20.61 -2.55 -8.93
C GLU B 191 -21.70 -1.80 -8.17
N ILE B 192 -22.75 -1.37 -8.89
CA ILE B 192 -23.89 -0.73 -8.25
C ILE B 192 -24.61 -1.71 -7.33
N ALA B 193 -24.61 -3.00 -7.69
CA ALA B 193 -25.30 -4.01 -6.89
C ALA B 193 -24.60 -4.23 -5.56
N ALA B 194 -23.29 -4.42 -5.58
CA ALA B 194 -22.55 -4.64 -4.34
C ALA B 194 -22.45 -3.35 -3.52
N ALA B 195 -22.40 -2.19 -4.17
CA ALA B 195 -22.27 -0.94 -3.44
C ALA B 195 -23.51 -0.61 -2.63
N SER B 196 -24.60 -1.35 -2.80
CA SER B 196 -25.77 -1.18 -1.95
C SER B 196 -25.44 -1.50 -0.48
N ALA B 197 -24.52 -2.43 -0.26
CA ALA B 197 -24.10 -2.80 1.09
C ALA B 197 -23.19 -1.77 1.74
N ILE B 198 -22.70 -0.77 1.00
CA ILE B 198 -21.76 0.18 1.58
C ILE B 198 -22.44 1.04 2.64
N LYS B 199 -23.72 1.35 2.48
CA LYS B 199 -24.41 2.22 3.43
C LYS B 199 -24.93 1.48 4.66
N VAL B 200 -24.67 0.18 4.79
CA VAL B 200 -24.87 -0.53 6.04
C VAL B 200 -23.55 -0.87 6.71
N ILE B 201 -22.42 -0.49 6.10
CA ILE B 201 -21.13 -0.63 6.79
C ILE B 201 -21.09 0.18 8.07
N PRO B 202 -21.52 1.45 8.11
CA PRO B 202 -21.53 2.16 9.40
C PRO B 202 -22.41 1.49 10.44
N THR B 203 -23.46 0.77 10.01
CA THR B 203 -24.27 0.01 10.95
C THR B 203 -23.47 -1.14 11.57
N VAL B 204 -22.63 -1.80 10.78
CA VAL B 204 -21.84 -2.92 11.27
C VAL B 204 -20.90 -2.47 12.39
N PHE B 205 -20.24 -1.32 12.20
CA PHE B 205 -19.21 -0.90 13.14
C PHE B 205 -19.77 -0.35 14.44
N LYS B 206 -20.95 0.26 14.41
CA LYS B 206 -21.53 0.82 15.62
C LYS B 206 -22.39 -0.18 16.38
N ALA B 207 -22.92 -1.19 15.70
CA ALA B 207 -23.52 -2.32 16.41
C ALA B 207 -22.47 -3.09 17.21
N MET B 208 -21.23 -3.12 16.72
CA MET B 208 -20.15 -3.72 17.49
C MET B 208 -19.77 -2.86 18.69
N GLN B 209 -19.97 -1.54 18.60
CA GLN B 209 -19.50 -0.65 19.65
C GLN B 209 -20.46 -0.59 20.82
N MET B 210 -21.76 -0.78 20.57
CA MET B 210 -22.79 -0.75 21.59
C MET B 210 -23.29 -2.14 21.96
N GLN B 211 -22.64 -3.19 21.46
CA GLN B 211 -23.01 -4.57 21.74
C GLN B 211 -24.44 -4.85 21.27
N GLU B 212 -24.83 -4.29 20.13
CA GLU B 212 -26.16 -4.53 19.57
C GLU B 212 -26.07 -5.79 18.71
N ARG B 213 -26.24 -6.94 19.37
CA ARG B 213 -26.06 -8.22 18.70
C ARG B 213 -27.05 -8.40 17.56
N ASP B 214 -28.33 -8.10 17.81
CA ASP B 214 -29.35 -8.31 16.79
C ASP B 214 -29.14 -7.40 15.58
N THR B 215 -28.80 -6.13 15.83
CA THR B 215 -28.54 -5.21 14.74
C THR B 215 -27.38 -5.68 13.88
N LEU B 216 -26.28 -6.07 14.51
CA LEU B 216 -25.13 -6.59 13.76
C LEU B 216 -25.52 -7.79 12.91
N LEU B 217 -26.34 -8.69 13.48
CA LEU B 217 -26.73 -9.89 12.75
C LEU B 217 -27.49 -9.54 11.49
N LYS B 218 -28.52 -8.69 11.61
CA LYS B 218 -29.26 -8.21 10.45
C LYS B 218 -28.35 -7.46 9.48
N ALA B 219 -27.42 -6.66 10.02
CA ALA B 219 -26.50 -5.91 9.17
C ALA B 219 -25.64 -6.85 8.34
N LEU B 220 -25.05 -7.87 8.98
CA LEU B 220 -24.22 -8.80 8.23
C LEU B 220 -25.05 -9.61 7.25
N LEU B 221 -26.29 -9.97 7.61
CA LEU B 221 -27.13 -10.71 6.67
C LEU B 221 -27.45 -9.87 5.44
N GLU B 222 -27.75 -8.58 5.64
CA GLU B 222 -28.07 -7.71 4.51
C GLU B 222 -26.87 -7.57 3.57
N ILE B 223 -25.67 -7.45 4.12
CA ILE B 223 -24.47 -7.42 3.29
C ILE B 223 -24.39 -8.66 2.41
N ALA B 224 -24.68 -9.83 2.98
CA ALA B 224 -24.55 -11.07 2.21
C ALA B 224 -25.56 -11.13 1.07
N SER B 225 -26.76 -10.58 1.28
CA SER B 225 -27.77 -10.59 0.23
C SER B 225 -27.36 -9.72 -0.95
N CYS B 226 -26.57 -8.68 -0.72
CA CYS B 226 -26.12 -7.83 -1.81
C CYS B 226 -25.02 -8.51 -2.63
N LEU B 227 -24.01 -9.06 -1.95
CA LEU B 227 -22.98 -9.79 -2.67
C LEU B 227 -23.53 -11.01 -3.39
N GLU B 228 -24.63 -11.57 -2.88
CA GLU B 228 -25.26 -12.70 -3.56
C GLU B 228 -25.92 -12.26 -4.85
N LYS B 229 -26.70 -11.19 -4.81
CA LYS B 229 -27.36 -10.72 -6.03
C LYS B 229 -26.38 -10.05 -6.97
N ALA B 230 -25.26 -9.53 -6.46
CA ALA B 230 -24.22 -9.05 -7.36
C ALA B 230 -23.62 -10.18 -8.20
N LEU B 231 -23.84 -11.44 -7.80
CA LEU B 231 -23.40 -12.57 -8.60
C LEU B 231 -24.39 -12.89 -9.72
N GLN B 232 -25.69 -12.65 -9.48
CA GLN B 232 -26.68 -12.87 -10.53
C GLN B 232 -26.55 -11.83 -11.64
N VAL B 233 -26.27 -10.58 -11.28
CA VAL B 233 -25.98 -9.56 -12.27
C VAL B 233 -24.71 -9.91 -13.04
N PHE B 234 -23.79 -10.63 -12.40
CA PHE B 234 -22.55 -11.05 -13.03
C PHE B 234 -22.78 -12.16 -14.05
N HIS B 235 -23.95 -12.80 -14.05
CA HIS B 235 -24.27 -13.78 -15.09
C HIS B 235 -24.53 -13.12 -16.44
N GLN B 236 -24.94 -11.85 -16.45
CA GLN B 236 -25.28 -11.14 -17.67
C GLN B 236 -24.09 -10.94 -18.61
N ILE B 237 -22.87 -11.28 -18.17
CA ILE B 237 -21.72 -11.11 -19.04
C ILE B 237 -21.74 -12.12 -20.19
N HIS B 238 -22.43 -13.25 -20.03
CA HIS B 238 -22.52 -14.22 -21.11
C HIS B 238 -23.38 -13.71 -22.26
N ASP B 239 -24.21 -12.70 -22.02
CA ASP B 239 -25.15 -12.20 -23.02
C ASP B 239 -24.61 -11.03 -23.82
N HIS B 240 -23.73 -10.19 -23.24
CA HIS B 240 -23.35 -8.94 -23.86
C HIS B 240 -21.86 -8.85 -24.17
N VAL B 241 -21.07 -9.88 -23.89
CA VAL B 241 -19.65 -9.91 -24.24
C VAL B 241 -19.35 -11.26 -24.85
N ASN B 242 -18.63 -11.25 -25.99
CA ASN B 242 -18.27 -12.46 -26.71
C ASN B 242 -16.79 -12.75 -26.52
N PRO B 243 -16.43 -14.01 -26.22
CA PRO B 243 -15.02 -14.31 -25.88
C PRO B 243 -14.01 -13.93 -26.95
N LYS B 244 -14.22 -14.35 -28.20
CA LYS B 244 -13.28 -13.98 -29.25
C LYS B 244 -13.27 -12.48 -29.49
N ALA B 245 -14.33 -11.77 -29.13
CA ALA B 245 -14.28 -10.31 -29.16
C ALA B 245 -13.37 -9.77 -28.05
N PHE B 246 -13.71 -10.07 -26.80
CA PHE B 246 -12.97 -9.53 -25.66
C PHE B 246 -11.48 -9.80 -25.79
N PHE B 247 -11.12 -11.05 -26.06
CA PHE B 247 -9.71 -11.44 -26.03
C PHE B 247 -8.91 -10.78 -27.15
N SER B 248 -9.54 -10.53 -28.29
CA SER B 248 -8.82 -10.15 -29.49
C SER B 248 -8.88 -8.66 -29.82
N VAL B 249 -9.75 -7.89 -29.17
CA VAL B 249 -9.76 -6.45 -29.44
C VAL B 249 -9.76 -5.64 -28.14
N LEU B 250 -10.71 -5.90 -27.25
CA LEU B 250 -10.84 -5.06 -26.05
C LEU B 250 -9.72 -5.31 -25.05
N ARG B 251 -9.09 -6.48 -25.09
CA ARG B 251 -8.00 -6.77 -24.17
C ARG B 251 -6.81 -5.86 -24.44
N ILE B 252 -6.53 -5.58 -25.71
CA ILE B 252 -5.29 -4.89 -26.02
C ILE B 252 -5.38 -3.41 -25.74
N TYR B 253 -6.57 -2.82 -25.90
CA TYR B 253 -6.70 -1.40 -25.61
C TYR B 253 -6.68 -1.11 -24.12
N LEU B 254 -7.06 -2.08 -23.29
CA LEU B 254 -7.06 -1.92 -21.85
C LEU B 254 -5.75 -2.32 -21.20
N SER B 255 -4.77 -2.75 -21.97
CA SER B 255 -3.46 -3.06 -21.42
C SER B 255 -2.69 -1.77 -21.13
N GLY B 256 -1.73 -1.87 -20.21
CA GLY B 256 -0.90 -0.76 -19.82
C GLY B 256 0.55 -0.96 -20.22
N TRP B 257 1.39 -0.04 -19.73
CA TRP B 257 2.82 -0.12 -20.01
C TRP B 257 3.61 -0.37 -18.73
N LYS B 258 3.22 -1.38 -17.97
CA LYS B 258 3.95 -1.83 -16.79
C LYS B 258 4.21 -3.32 -16.94
N GLY B 259 5.48 -3.70 -17.03
CA GLY B 259 5.83 -5.10 -17.23
C GLY B 259 5.28 -5.68 -18.52
N ASN B 260 5.35 -4.92 -19.61
CA ASN B 260 4.82 -5.34 -20.90
C ASN B 260 5.99 -5.48 -21.88
N PRO B 261 6.16 -6.64 -22.52
CA PRO B 261 7.25 -6.77 -23.51
C PRO B 261 7.08 -5.87 -24.72
N GLN B 262 5.86 -5.41 -25.03
CA GLN B 262 5.68 -4.54 -26.19
C GLN B 262 6.22 -3.15 -25.92
N LEU B 263 6.03 -2.62 -24.72
CA LEU B 263 6.63 -1.35 -24.28
C LEU B 263 7.58 -1.69 -23.14
N SER B 264 8.80 -2.08 -23.51
CA SER B 264 9.74 -2.67 -22.56
C SER B 264 10.02 -1.73 -21.39
N ASP B 265 10.44 -0.51 -21.68
CA ASP B 265 10.83 0.45 -20.64
C ASP B 265 9.74 1.45 -20.30
N GLY B 266 8.56 1.31 -20.88
CA GLY B 266 7.44 2.18 -20.57
C GLY B 266 7.14 3.14 -21.70
N LEU B 267 6.28 4.11 -21.37
CA LEU B 267 5.83 5.12 -22.32
C LEU B 267 6.39 6.48 -21.93
N VAL B 268 6.88 7.21 -22.92
CA VAL B 268 7.37 8.57 -22.70
C VAL B 268 6.18 9.53 -22.75
N TYR B 269 6.00 10.32 -21.69
CA TYR B 269 5.07 11.43 -21.69
C TYR B 269 5.86 12.66 -22.10
N GLU B 270 5.82 12.96 -23.41
CA GLU B 270 6.70 13.97 -24.00
C GLU B 270 6.42 15.34 -23.40
N GLY B 271 7.47 15.95 -22.86
CA GLY B 271 7.37 17.27 -22.26
C GLY B 271 7.12 17.27 -20.77
N PHE B 272 6.71 16.14 -20.19
CA PHE B 272 6.46 16.06 -18.75
C PHE B 272 7.63 15.39 -18.01
N TRP B 273 7.92 14.13 -18.33
CA TRP B 273 9.12 13.45 -17.88
C TRP B 273 9.91 13.01 -19.09
N GLU B 274 11.21 13.34 -19.12
CA GLU B 274 12.03 12.94 -20.26
C GLU B 274 12.19 11.43 -20.32
N ASP B 275 12.17 10.76 -19.19
CA ASP B 275 12.31 9.32 -19.07
C ASP B 275 10.93 8.64 -19.14
N PRO B 276 10.89 7.40 -19.59
CA PRO B 276 9.60 6.69 -19.66
C PRO B 276 9.12 6.23 -18.29
N LYS B 277 7.81 6.23 -18.12
CA LYS B 277 7.16 5.86 -16.87
C LYS B 277 6.25 4.66 -17.10
N GLU B 278 6.28 3.72 -16.16
CA GLU B 278 5.49 2.49 -16.23
C GLU B 278 4.19 2.64 -15.45
N PHE B 279 3.10 2.12 -16.03
CA PHE B 279 1.79 2.17 -15.39
C PHE B 279 0.97 0.97 -15.86
N ALA B 280 0.38 0.25 -14.91
CA ALA B 280 -0.45 -0.90 -15.24
C ALA B 280 -1.75 -0.46 -15.90
N GLY B 281 -2.33 -1.36 -16.69
CA GLY B 281 -3.56 -1.09 -17.38
C GLY B 281 -4.78 -1.16 -16.47
N GLY B 282 -5.94 -0.87 -17.07
CA GLY B 282 -7.18 -0.87 -16.32
C GLY B 282 -7.52 -2.27 -15.80
N SER B 283 -7.97 -2.31 -14.54
CA SER B 283 -8.32 -3.56 -13.89
C SER B 283 -9.51 -3.33 -12.96
N ALA B 284 -10.28 -4.40 -12.73
CA ALA B 284 -11.35 -4.35 -11.75
C ALA B 284 -10.82 -4.38 -10.33
N GLY B 285 -9.57 -4.81 -10.14
CA GLY B 285 -8.88 -4.65 -8.88
C GLY B 285 -8.68 -3.22 -8.45
N GLN B 286 -8.90 -2.26 -9.35
CA GLN B 286 -8.88 -0.84 -9.05
C GLN B 286 -10.22 -0.34 -8.54
N SER B 287 -11.17 -1.24 -8.30
CA SER B 287 -12.45 -0.87 -7.73
C SER B 287 -12.38 -0.96 -6.22
N SER B 288 -12.87 0.07 -5.54
CA SER B 288 -12.87 0.06 -4.08
C SER B 288 -13.94 -0.86 -3.54
N VAL B 289 -15.11 -0.89 -4.18
CA VAL B 289 -16.18 -1.81 -3.79
C VAL B 289 -15.65 -3.24 -3.70
N PHE B 290 -14.89 -3.66 -4.71
CA PHE B 290 -14.47 -5.04 -4.78
C PHE B 290 -13.34 -5.38 -3.81
N GLN B 291 -12.60 -4.37 -3.34
CA GLN B 291 -11.61 -4.57 -2.30
C GLN B 291 -12.12 -4.27 -0.90
N CYS B 292 -13.28 -3.60 -0.77
CA CYS B 292 -13.68 -3.11 0.53
C CYS B 292 -14.25 -4.24 1.39
N PHE B 293 -14.96 -5.18 0.78
CA PHE B 293 -15.56 -6.26 1.56
C PHE B 293 -14.51 -7.20 2.13
N ASP B 294 -13.35 -7.30 1.48
CA ASP B 294 -12.28 -8.11 2.04
C ASP B 294 -11.73 -7.51 3.32
N VAL B 295 -11.55 -6.19 3.35
CA VAL B 295 -11.03 -5.56 4.56
C VAL B 295 -12.11 -5.37 5.60
N LEU B 296 -13.39 -5.35 5.20
CA LEU B 296 -14.47 -5.27 6.17
C LEU B 296 -14.57 -6.56 6.98
N LEU B 297 -14.66 -7.70 6.29
CA LEU B 297 -14.75 -9.00 6.93
C LEU B 297 -13.44 -9.46 7.55
N GLY B 298 -12.40 -8.63 7.52
CA GLY B 298 -11.15 -9.02 8.13
C GLY B 298 -10.31 -9.99 7.32
N ILE B 299 -10.61 -10.14 6.02
CA ILE B 299 -9.81 -10.97 5.14
C ILE B 299 -8.63 -10.13 4.65
N GLN B 300 -7.44 -10.41 5.18
CA GLN B 300 -6.25 -9.63 4.83
C GLN B 300 -5.69 -10.17 3.51
N GLN B 301 -6.35 -9.79 2.41
CA GLN B 301 -5.90 -10.16 1.08
C GLN B 301 -4.59 -9.46 0.70
N THR B 302 -4.22 -8.40 1.41
CA THR B 302 -2.98 -7.70 1.18
C THR B 302 -1.83 -8.22 2.03
N ALA B 303 -2.08 -9.14 2.96
CA ALA B 303 -1.02 -9.73 3.76
C ALA B 303 -0.23 -10.74 2.94
N GLY B 304 1.04 -10.89 3.30
CA GLY B 304 1.94 -11.77 2.58
C GLY B 304 2.68 -11.06 1.46
N GLY B 305 3.72 -11.71 0.97
CA GLY B 305 4.51 -11.15 -0.11
C GLY B 305 4.08 -11.67 -1.48
N GLY B 306 2.87 -12.22 -1.55
CA GLY B 306 2.40 -12.79 -2.80
C GLY B 306 2.17 -11.76 -3.87
N HIS B 307 2.24 -12.22 -5.13
CA HIS B 307 1.98 -11.33 -6.26
C HIS B 307 0.55 -10.81 -6.23
N ALA B 308 -0.38 -11.56 -5.64
CA ALA B 308 -1.75 -11.10 -5.55
C ALA B 308 -1.91 -10.04 -4.46
N ALA B 309 -1.30 -10.27 -3.29
CA ALA B 309 -1.35 -9.27 -2.23
C ALA B 309 -0.63 -8.00 -2.64
N GLN B 310 0.38 -8.12 -3.49
CA GLN B 310 1.10 -6.94 -3.96
C GLN B 310 0.30 -6.20 -5.03
N PHE B 311 -0.33 -6.94 -5.94
CA PHE B 311 -1.10 -6.30 -7.02
C PHE B 311 -2.26 -5.49 -6.46
N LEU B 312 -3.02 -6.09 -5.54
CA LEU B 312 -4.20 -5.40 -5.01
C LEU B 312 -3.81 -4.15 -4.21
N GLN B 313 -2.65 -4.18 -3.54
CA GLN B 313 -2.20 -2.98 -2.84
C GLN B 313 -1.76 -1.90 -3.83
N ASP B 314 -1.01 -2.28 -4.87
CA ASP B 314 -0.58 -1.30 -5.86
C ASP B 314 -1.77 -0.68 -6.57
N MET B 315 -2.84 -1.45 -6.78
CA MET B 315 -4.01 -0.95 -7.49
C MET B 315 -4.79 0.10 -6.70
N ARG B 316 -4.44 0.32 -5.44
CA ARG B 316 -5.14 1.35 -4.67
C ARG B 316 -4.69 2.73 -5.09
N ARG B 317 -3.41 2.90 -5.42
CA ARG B 317 -2.93 4.15 -5.96
C ARG B 317 -3.39 4.40 -7.39
N TYR B 318 -4.18 3.48 -7.96
CA TYR B 318 -4.87 3.69 -9.23
C TYR B 318 -6.36 3.98 -9.01
N MET B 319 -6.78 4.20 -7.76
CA MET B 319 -8.13 4.58 -7.38
C MET B 319 -8.20 6.06 -7.05
N PRO B 320 -9.38 6.67 -7.11
CA PRO B 320 -9.53 8.07 -6.68
C PRO B 320 -9.08 8.26 -5.24
N PRO B 321 -8.68 9.48 -4.85
CA PRO B 321 -8.15 9.66 -3.49
C PRO B 321 -9.18 9.41 -2.40
N ALA B 322 -10.42 9.88 -2.57
CA ALA B 322 -11.45 9.61 -1.58
C ALA B 322 -11.77 8.12 -1.47
N HIS B 323 -11.43 7.34 -2.50
CA HIS B 323 -11.67 5.90 -2.48
C HIS B 323 -10.56 5.11 -1.79
N ARG B 324 -9.34 5.64 -1.77
CA ARG B 324 -8.31 5.06 -0.91
C ARG B 324 -8.62 5.33 0.55
N ASN B 325 -8.88 6.60 0.88
CA ASN B 325 -9.17 6.99 2.26
C ASN B 325 -10.30 6.18 2.86
N PHE B 326 -11.26 5.74 2.04
CA PHE B 326 -12.34 4.89 2.54
C PHE B 326 -11.83 3.50 2.88
N LEU B 327 -10.98 2.92 2.03
CA LEU B 327 -10.40 1.62 2.35
C LEU B 327 -9.46 1.73 3.54
N CYS B 328 -8.70 2.84 3.62
CA CYS B 328 -7.81 3.03 4.75
C CYS B 328 -8.59 3.20 6.05
N SER B 329 -9.71 3.91 6.01
CA SER B 329 -10.52 4.06 7.22
C SER B 329 -11.12 2.72 7.65
N LEU B 330 -11.48 1.85 6.71
CA LEU B 330 -11.97 0.53 7.10
C LEU B 330 -10.89 -0.28 7.78
N GLU B 331 -9.64 -0.13 7.33
CA GLU B 331 -8.54 -0.87 7.94
C GLU B 331 -8.35 -0.49 9.41
N SER B 332 -8.52 0.79 9.73
CA SER B 332 -8.30 1.31 11.08
C SER B 332 -9.54 1.23 11.95
N ASN B 333 -10.31 0.15 11.81
CA ASN B 333 -11.45 -0.19 12.66
C ASN B 333 -11.28 -1.59 13.22
N PRO B 334 -11.86 -1.87 14.38
CA PRO B 334 -11.71 -3.20 14.99
C PRO B 334 -12.23 -4.30 14.06
N SER B 335 -11.49 -5.41 14.03
CA SER B 335 -11.81 -6.49 13.09
C SER B 335 -13.21 -7.02 13.35
N VAL B 336 -14.07 -6.93 12.35
CA VAL B 336 -15.38 -7.56 12.43
C VAL B 336 -15.23 -9.05 12.62
N ARG B 337 -14.20 -9.64 12.01
CA ARG B 337 -13.99 -11.08 12.15
C ARG B 337 -13.67 -11.45 13.60
N GLU B 338 -12.65 -10.82 14.18
CA GLU B 338 -12.24 -11.21 15.52
C GLU B 338 -13.29 -10.88 16.57
N PHE B 339 -14.16 -9.90 16.30
CA PHE B 339 -15.31 -9.67 17.16
C PHE B 339 -16.29 -10.83 17.09
N VAL B 340 -16.70 -11.21 15.88
CA VAL B 340 -17.63 -12.31 15.71
C VAL B 340 -17.00 -13.62 16.20
N LEU B 341 -15.68 -13.74 16.12
CA LEU B 341 -15.02 -14.95 16.60
C LEU B 341 -15.13 -15.07 18.11
N SER B 342 -15.03 -13.95 18.83
CA SER B 342 -14.99 -13.95 20.28
C SER B 342 -16.34 -14.19 20.95
N LYS B 343 -17.45 -14.07 20.23
CA LYS B 343 -18.76 -14.13 20.88
C LYS B 343 -19.31 -15.53 21.04
N GLY B 344 -18.78 -16.51 20.31
CA GLY B 344 -19.36 -17.84 20.36
C GLY B 344 -20.84 -17.86 20.01
N ASP B 345 -21.25 -16.99 19.10
CA ASP B 345 -22.65 -16.82 18.70
C ASP B 345 -22.84 -17.52 17.37
N ALA B 346 -23.49 -18.69 17.40
CA ALA B 346 -23.71 -19.44 16.16
C ALA B 346 -24.51 -18.64 15.15
N GLY B 347 -25.40 -17.77 15.62
CA GLY B 347 -26.11 -16.90 14.70
C GLY B 347 -25.19 -15.92 14.00
N LEU B 348 -24.39 -15.19 14.79
CA LEU B 348 -23.41 -14.26 14.22
C LEU B 348 -22.47 -14.96 13.27
N ARG B 349 -21.94 -16.12 13.68
CA ARG B 349 -20.92 -16.80 12.90
C ARG B 349 -21.46 -17.34 11.58
N GLU B 350 -22.77 -17.50 11.46
CA GLU B 350 -23.33 -17.87 10.16
C GLU B 350 -23.55 -16.66 9.27
N ALA B 351 -23.98 -15.54 9.85
CA ALA B 351 -24.10 -14.31 9.07
C ALA B 351 -22.75 -13.86 8.55
N TYR B 352 -21.69 -14.03 9.35
CA TYR B 352 -20.35 -13.72 8.85
C TYR B 352 -19.93 -14.70 7.77
N ASP B 353 -20.13 -16.00 8.01
CA ASP B 353 -19.81 -17.00 7.01
C ASP B 353 -20.66 -16.86 5.76
N ALA B 354 -21.85 -16.27 5.86
CA ALA B 354 -22.66 -15.99 4.69
C ALA B 354 -21.97 -14.98 3.78
N CYS B 355 -21.43 -13.90 4.36
CA CYS B 355 -20.75 -12.89 3.57
C CYS B 355 -19.53 -13.46 2.86
N VAL B 356 -18.73 -14.27 3.56
CA VAL B 356 -17.54 -14.79 2.93
C VAL B 356 -17.89 -15.84 1.89
N LYS B 357 -18.99 -16.57 2.06
CA LYS B 357 -19.42 -17.50 1.01
C LYS B 357 -19.83 -16.76 -0.24
N ALA B 358 -20.41 -15.57 -0.10
CA ALA B 358 -20.77 -14.79 -1.27
C ALA B 358 -19.54 -14.34 -2.04
N LEU B 359 -18.46 -13.98 -1.34
CA LEU B 359 -17.22 -13.60 -2.03
C LEU B 359 -16.55 -14.81 -2.68
N VAL B 360 -16.63 -15.98 -2.04
CA VAL B 360 -16.03 -17.18 -2.63
C VAL B 360 -16.78 -17.57 -3.90
N SER B 361 -18.11 -17.51 -3.87
CA SER B 361 -18.91 -17.86 -5.05
C SER B 361 -18.64 -16.89 -6.19
N LEU B 362 -18.56 -15.60 -5.88
CA LEU B 362 -18.23 -14.60 -6.90
C LEU B 362 -16.87 -14.88 -7.52
N ARG B 363 -15.86 -15.15 -6.69
CA ARG B 363 -14.52 -15.37 -7.21
C ARG B 363 -14.41 -16.69 -7.96
N SER B 364 -15.18 -17.70 -7.53
CA SER B 364 -15.13 -18.99 -8.23
C SER B 364 -15.90 -18.93 -9.55
N TYR B 365 -17.05 -18.26 -9.57
CA TYR B 365 -17.73 -18.00 -10.84
C TYR B 365 -16.90 -17.10 -11.73
N HIS B 366 -16.17 -16.14 -11.14
CA HIS B 366 -15.25 -15.32 -11.91
C HIS B 366 -14.09 -16.14 -12.47
N LEU B 367 -13.75 -17.26 -11.82
CA LEU B 367 -12.69 -18.12 -12.35
C LEU B 367 -13.14 -18.81 -13.63
N GLN B 368 -14.42 -19.24 -13.68
CA GLN B 368 -14.90 -19.96 -14.85
C GLN B 368 -14.99 -19.07 -16.08
N ILE B 369 -15.28 -17.78 -15.90
CA ILE B 369 -15.35 -16.91 -17.07
C ILE B 369 -13.95 -16.55 -17.57
N VAL B 370 -12.95 -16.56 -16.70
CA VAL B 370 -11.57 -16.39 -17.17
C VAL B 370 -11.18 -17.56 -18.06
N THR B 371 -11.72 -18.75 -17.79
CA THR B 371 -11.51 -19.87 -18.70
C THR B 371 -12.19 -19.59 -20.04
N LYS B 372 -13.36 -18.94 -20.01
CA LYS B 372 -14.11 -18.72 -21.24
C LYS B 372 -13.58 -17.55 -22.06
N TYR B 373 -13.05 -16.51 -21.40
CA TYR B 373 -12.72 -15.25 -22.05
C TYR B 373 -11.23 -14.99 -22.20
N ILE B 374 -10.37 -15.84 -21.66
CA ILE B 374 -8.94 -15.67 -21.86
C ILE B 374 -8.30 -17.00 -22.25
N LEU B 375 -8.50 -18.03 -21.43
CA LEU B 375 -7.76 -19.28 -21.57
C LEU B 375 -8.04 -19.94 -22.92
N ILE B 376 -9.31 -20.22 -23.21
CA ILE B 376 -9.69 -20.92 -24.42
C ILE B 376 -9.48 -20.03 -25.64
N PRO B 377 -9.83 -18.74 -25.63
CA PRO B 377 -9.42 -17.88 -26.76
C PRO B 377 -7.91 -17.87 -26.99
N ALA B 378 -7.11 -17.92 -25.92
CA ALA B 378 -5.66 -17.97 -26.10
C ALA B 378 -5.20 -19.31 -26.66
N SER B 379 -5.98 -20.37 -26.41
CA SER B 379 -5.67 -21.67 -26.98
C SER B 379 -5.90 -21.69 -28.49
N GLN B 380 -6.97 -21.05 -28.94
CA GLN B 380 -7.33 -21.06 -30.36
C GLN B 380 -6.88 -19.78 -31.06
N GLY B 400 3.25 -19.40 -17.69
CA GLY B 400 2.85 -18.16 -18.35
C GLY B 400 1.42 -17.75 -18.07
N GLY B 401 0.49 -18.13 -18.95
CA GLY B 401 -0.92 -17.89 -18.70
C GLY B 401 -1.53 -18.76 -17.63
N THR B 402 -0.77 -19.76 -17.15
CA THR B 402 -1.23 -20.59 -16.03
C THR B 402 -1.02 -19.92 -14.68
N ASP B 403 -0.13 -18.93 -14.59
CA ASP B 403 0.04 -18.19 -13.35
C ASP B 403 -1.10 -17.24 -13.08
N LEU B 404 -1.91 -16.94 -14.10
CA LEU B 404 -3.10 -16.13 -13.88
C LEU B 404 -4.12 -16.86 -13.01
N MET B 405 -4.42 -18.12 -13.35
CA MET B 405 -5.33 -18.90 -12.52
C MET B 405 -4.76 -19.09 -11.12
N ASN B 406 -3.45 -19.32 -11.01
CA ASN B 406 -2.81 -19.38 -9.69
C ASN B 406 -3.00 -18.08 -8.93
N PHE B 407 -2.80 -16.95 -9.62
CA PHE B 407 -3.05 -15.65 -9.03
C PHE B 407 -4.46 -15.54 -8.47
N LEU B 408 -5.46 -15.86 -9.29
CA LEU B 408 -6.85 -15.71 -8.85
C LEU B 408 -7.22 -16.77 -7.81
N LYS B 409 -6.70 -18.00 -7.96
CA LYS B 409 -6.96 -19.03 -6.96
C LYS B 409 -6.31 -18.68 -5.63
N THR B 410 -5.22 -17.93 -5.66
CA THR B 410 -4.63 -17.42 -4.43
C THR B 410 -5.60 -16.51 -3.69
N VAL B 411 -6.25 -15.59 -4.41
CA VAL B 411 -7.20 -14.70 -3.75
C VAL B 411 -8.42 -15.47 -3.26
N ARG B 412 -8.89 -16.44 -4.04
CA ARG B 412 -10.05 -17.21 -3.62
C ARG B 412 -9.74 -18.06 -2.39
N SER B 413 -8.56 -18.67 -2.37
CA SER B 413 -8.20 -19.53 -1.25
C SER B 413 -8.07 -18.74 0.04
N THR B 414 -7.47 -17.56 -0.02
CA THR B 414 -7.40 -16.71 1.16
C THR B 414 -8.79 -16.29 1.60
N THR B 415 -9.69 -16.01 0.66
CA THR B 415 -11.07 -15.74 1.00
C THR B 415 -11.73 -16.95 1.65
N GLU B 416 -11.50 -18.14 1.09
CA GLU B 416 -12.13 -19.35 1.61
C GLU B 416 -11.47 -19.86 2.88
N LYS B 417 -10.27 -19.39 3.22
CA LYS B 417 -9.62 -19.76 4.47
C LYS B 417 -9.98 -18.83 5.62
N SER B 418 -11.05 -18.06 5.49
CA SER B 418 -11.49 -17.14 6.51
C SER B 418 -12.85 -17.53 7.09
N LEU B 419 -13.39 -18.68 6.67
CA LEU B 419 -14.62 -19.19 7.25
C LEU B 419 -14.39 -19.54 8.71
N LEU B 420 -15.30 -19.12 9.58
CA LEU B 420 -15.14 -19.36 11.01
C LEU B 420 -15.36 -20.82 11.34
N LYS B 421 -16.53 -21.36 11.00
CA LYS B 421 -16.88 -22.72 11.35
C LYS B 421 -16.85 -23.62 10.12
CHA HEM C . 17.22 4.59 4.56
CHB HEM C . 21.61 2.81 5.62
CHC HEM C . 21.36 4.64 10.10
CHD HEM C . 17.02 6.49 9.02
C1A HEM C . 18.37 3.83 4.51
C2A HEM C . 18.67 2.78 3.57
C3A HEM C . 19.88 2.29 3.87
C4A HEM C . 20.39 3.02 5.01
CMA HEM C . 20.61 1.15 3.15
CAA HEM C . 17.75 2.30 2.43
CBA HEM C . 16.66 1.43 3.03
CGA HEM C . 17.06 -0.01 2.89
O1A HEM C . 16.53 -0.87 3.65
O2A HEM C . 17.93 -0.31 2.03
C1B HEM C . 21.94 3.22 6.90
C2B HEM C . 23.24 3.05 7.52
C3B HEM C . 23.17 3.57 8.75
C4B HEM C . 21.82 4.05 8.95
CMB HEM C . 24.45 2.40 6.81
CAB HEM C . 24.26 3.65 9.86
CBB HEM C . 25.34 2.85 9.90
C1C HEM C . 20.13 5.23 10.24
C2C HEM C . 19.54 5.70 11.47
C3C HEM C . 18.35 6.22 11.18
C4C HEM C . 18.13 6.08 9.75
CMC HEM C . 20.16 5.65 12.89
CAC HEM C . 17.42 6.83 12.26
CBC HEM C . 16.42 7.66 11.91
C1D HEM C . 16.67 6.08 7.76
C2D HEM C . 15.36 6.23 7.14
C3D HEM C . 15.41 5.71 5.90
C4D HEM C . 16.74 5.20 5.70
CMD HEM C . 14.13 6.89 7.79
CAD HEM C . 14.25 5.66 4.90
CBD HEM C . 14.53 6.58 3.72
CGD HEM C . 14.06 7.97 4.05
O1D HEM C . 14.61 8.93 3.44
O2D HEM C . 13.15 8.14 4.91
NA HEM C . 19.44 3.95 5.38
NB HEM C . 21.09 3.83 7.81
NC HEM C . 19.24 5.48 9.20
ND HEM C . 17.48 5.44 6.84
FE HEM C . 19.24 4.60 7.26
C01 RCQ D . 17.68 1.15 11.67
C02 RCQ D . 17.64 0.56 10.42
C03 RCQ D . 17.24 -0.76 10.29
C04 RCQ D . 16.91 -1.50 11.41
C05 RCQ D . 16.97 -0.92 12.66
C06 RCQ D . 17.36 0.40 12.79
C07 RCQ D . 17.98 1.32 9.15
C08 RCQ D . 18.13 1.82 7.05
N01 RCQ D . 18.08 2.54 11.84
N02 RCQ D . 18.57 2.49 9.04
N03 RCQ D . 18.67 2.79 7.75
N04 RCQ D . 17.69 0.89 7.92
CL1 RCQ D . 16.42 -3.21 11.23
C01 RCQ E . 14.47 10.58 7.40
C02 RCQ E . 14.59 10.76 8.77
C03 RCQ E . 15.78 10.41 9.39
C04 RCQ E . 16.83 9.90 8.65
C05 RCQ E . 16.71 9.73 7.29
C06 RCQ E . 15.52 10.08 6.66
C07 RCQ E . 13.45 11.31 9.63
C08 RCQ E . 12.35 12.02 11.35
N01 RCQ E . 13.23 10.94 6.73
N02 RCQ E . 12.24 11.64 9.23
N03 RCQ E . 11.55 12.10 10.30
N04 RCQ E . 13.52 11.54 10.94
CL1 RCQ E . 18.34 9.45 9.49
CHA HEM F . -9.12 -9.87 -11.49
CHB HEM F . -10.09 -11.44 -15.98
CHC HEM F . -14.61 -9.73 -15.75
CHD HEM F . -13.75 -8.46 -11.16
C1A HEM F . -8.96 -10.33 -12.78
C2A HEM F . -7.70 -10.62 -13.47
C3A HEM F . -7.99 -11.05 -14.70
C4A HEM F . -9.43 -11.05 -14.85
CMA HEM F . -7.01 -11.48 -15.81
CAA HEM F . -6.27 -10.47 -12.88
CBA HEM F . -6.02 -9.07 -12.35
CGA HEM F . -5.71 -8.21 -13.54
O1A HEM F . -6.22 -7.07 -13.59
O2A HEM F . -4.99 -8.71 -14.44
C1B HEM F . -11.38 -11.11 -16.31
C2B HEM F . -12.02 -11.39 -17.59
C3B HEM F . -13.28 -10.91 -17.52
C4B HEM F . -13.46 -10.33 -16.22
CMB HEM F . -11.30 -12.11 -18.75
CAB HEM F . -14.39 -10.92 -18.59
CBB HEM F . -14.15 -11.08 -19.90
C1C HEM F . -14.74 -9.17 -14.51
C2C HEM F . -15.84 -8.34 -14.07
C3C HEM F . -15.60 -8.01 -12.78
C4C HEM F . -14.34 -8.59 -12.40
CMC HEM F . -17.04 -7.98 -14.96
CAC HEM F . -16.41 -7.12 -11.81
CBC HEM F . -17.41 -6.32 -12.20
C1D HEM F . -12.44 -8.71 -10.84
C2D HEM F . -11.80 -8.45 -9.57
C3D HEM F . -10.52 -8.84 -9.64
C4D HEM F . -10.30 -9.36 -10.98
CMD HEM F . -12.51 -7.82 -8.35
CAD HEM F . -9.47 -8.73 -8.52
CBD HEM F . -9.15 -10.14 -8.00
CGD HEM F . -10.15 -10.56 -6.95
O1D HEM F . -10.30 -11.79 -6.70
O2D HEM F . -10.82 -9.68 -6.36
NA HEM F . -9.99 -10.61 -13.67
NB HEM F . -12.29 -10.47 -15.50
NC HEM F . -13.84 -9.30 -13.47
ND HEM F . -11.49 -9.27 -11.68
FE HEM F . -11.89 -9.78 -13.61
C01 RCQ G . -13.57 -4.57 -15.63
C02 RCQ G . -12.21 -4.86 -15.69
C03 RCQ G . -11.33 -3.91 -16.18
C04 RCQ G . -11.80 -2.69 -16.61
C05 RCQ G . -13.15 -2.40 -16.56
C06 RCQ G . -14.04 -3.34 -16.07
C07 RCQ G . -11.62 -6.20 -15.22
C08 RCQ G . -10.24 -7.68 -14.47
N01 RCQ G . -14.52 -5.55 -15.13
N02 RCQ G . -12.24 -7.36 -15.18
N03 RCQ G . -11.38 -8.28 -14.72
N04 RCQ G . -10.37 -6.38 -14.79
CL1 RCQ G . -10.64 -1.49 -17.23
C01 RCQ H . -14.43 -10.09 -6.35
C02 RCQ H . -15.68 -9.54 -6.60
C03 RCQ H . -16.30 -9.79 -7.81
C04 RCQ H . -15.69 -10.58 -8.75
C05 RCQ H . -14.45 -11.15 -8.50
C06 RCQ H . -13.81 -10.90 -7.29
C07 RCQ H . -16.38 -8.65 -5.58
C08 RCQ H . -17.93 -7.54 -4.58
N01 RCQ H . -13.75 -9.84 -5.09
N02 RCQ H . -15.84 -8.06 -4.55
N03 RCQ H . -16.81 -7.37 -3.92
N04 RCQ H . -17.67 -8.34 -5.63
CL1 RCQ H . -16.53 -10.88 -10.29
#